data_2QEJ
#
_entry.id   2QEJ
#
_cell.length_a   71.306
_cell.length_b   109.263
_cell.length_c   170.863
_cell.angle_alpha   90.00
_cell.angle_beta   90.00
_cell.angle_gamma   90.00
#
_symmetry.space_group_name_H-M   'P 21 21 21'
#
loop_
_entity.id
_entity.type
_entity.pdbx_description
1 polymer 'IG ALPHA-1 C REGION'
2 polymer 'SUPERANTIGEN-LIKE MOLECULE 7'
3 branched 2-acetamido-2-deoxy-beta-D-glucopyranose-(1-4)-2-acetamido-2-deoxy-beta-D-glucopyranose
4 non-polymer GLYCEROL
5 non-polymer 'CALCIUM ION'
6 water water
#
loop_
_entity_poly.entity_id
_entity_poly.type
_entity_poly.pdbx_seq_one_letter_code
_entity_poly.pdbx_strand_id
1 'polypeptide(L)'
;ESCHPRLSLHRPALEDLLLGSEANLTCTLTGLRDASGVTFTWTPSSGKSAVQGPPERDLCGCYSVSSVLPGCAEPWNHGK
TFTCTAAYPESKTPLTATLSKSGNTFRPEVHLLPPPSEELALNELVTLTCLARGFSPKDVLVRWLQGSQELPREKYLTWA
SRQEPSQGTTTFAVTSILRVAAEDWKKGDTFSCMVGHEALPLAFTQKTIDRLAGKP
;
A,B
2 'polypeptide(L)'
;KEKQERVQHLYDIKDLHRYYSSESFEFSNISGKVENYNGSNVVRFNQEKQNHQLFLLGEDKAKYKQGLQGQDVFVVKELI
DPNGRLSTVGGVTKKNNQSSETNIHLLVNKLDGGNLDATNDSFLINKEEVSLKELDFKIRKQLVEKYGLYQGTSKYGKIT
IILNGGKKQEIDLGDKLQFERMGDVLNSKDINKIEVTLKQI
;
C,D
#
loop_
_chem_comp.id
_chem_comp.type
_chem_comp.name
_chem_comp.formula
CA non-polymer 'CALCIUM ION' 'Ca 2'
GOL non-polymer GLYCEROL 'C3 H8 O3'
NAG D-saccharide, beta linking 2-acetamido-2-deoxy-beta-D-glucopyranose 'C8 H15 N O6'
#
# COMPACT_ATOMS: atom_id res chain seq x y z
N GLU A 1 21.91 -19.48 29.15
CA GLU A 1 21.13 -18.25 28.87
C GLU A 1 21.86 -17.05 29.42
N SER A 2 21.10 -15.95 29.50
CA SER A 2 21.50 -14.64 30.01
C SER A 2 22.07 -13.71 28.93
N CYS A 3 23.35 -13.85 28.63
CA CYS A 3 23.98 -13.00 27.63
C CYS A 3 24.76 -13.81 26.61
N HIS A 4 24.10 -14.72 25.91
CA HIS A 4 24.81 -15.52 24.92
C HIS A 4 25.19 -14.70 23.68
N PRO A 5 26.51 -14.50 23.46
CA PRO A 5 27.09 -13.74 22.35
C PRO A 5 26.64 -14.10 20.93
N ARG A 6 26.56 -13.07 20.09
CA ARG A 6 26.15 -13.20 18.69
C ARG A 6 26.89 -12.16 17.88
N LEU A 7 27.72 -12.60 16.94
CA LEU A 7 28.46 -11.66 16.11
C LEU A 7 27.74 -11.51 14.80
N SER A 8 27.62 -10.29 14.32
CA SER A 8 26.90 -10.02 13.09
C SER A 8 27.63 -8.96 12.26
N LEU A 9 27.83 -9.21 10.98
CA LEU A 9 28.49 -8.23 10.14
C LEU A 9 27.43 -7.58 9.29
N HIS A 10 27.43 -6.26 9.23
CA HIS A 10 26.43 -5.50 8.49
C HIS A 10 26.88 -4.88 7.18
N ARG A 11 25.96 -4.86 6.23
CA ARG A 11 26.24 -4.28 4.94
C ARG A 11 26.20 -2.76 5.06
N PRO A 12 26.85 -2.05 4.12
CA PRO A 12 26.90 -0.60 4.10
C PRO A 12 25.49 -0.09 3.86
N ALA A 13 25.14 1.07 4.42
CA ALA A 13 23.81 1.62 4.21
C ALA A 13 23.50 1.92 2.74
N LEU A 14 22.52 1.21 2.17
CA LEU A 14 22.17 1.42 0.77
C LEU A 14 22.17 2.91 0.49
N GLU A 15 21.60 3.66 1.42
CA GLU A 15 21.53 5.10 1.30
C GLU A 15 22.90 5.70 1.04
N ASP A 16 23.85 5.46 1.95
CA ASP A 16 25.18 5.98 1.78
C ASP A 16 25.70 5.56 0.42
N LEU A 17 25.57 4.27 0.12
CA LEU A 17 26.05 3.76 -1.16
C LEU A 17 25.53 4.53 -2.35
N LEU A 18 24.24 4.79 -2.36
CA LEU A 18 23.65 5.49 -3.48
C LEU A 18 23.79 7.01 -3.48
N LEU A 19 23.62 7.64 -2.32
CA LEU A 19 23.72 9.08 -2.23
C LEU A 19 24.93 9.64 -1.47
N GLY A 20 25.61 8.80 -0.69
CA GLY A 20 26.75 9.26 0.08
C GLY A 20 28.10 9.11 -0.58
N SER A 21 29.15 9.47 0.16
CA SER A 21 30.53 9.38 -0.33
C SER A 21 31.29 8.32 0.44
N GLU A 22 31.14 8.37 1.76
CA GLU A 22 31.81 7.39 2.59
C GLU A 22 30.79 6.42 3.18
N ALA A 23 30.86 5.18 2.70
CA ALA A 23 29.99 4.10 3.15
C ALA A 23 30.85 3.15 3.93
N ASN A 24 30.36 2.69 5.07
CA ASN A 24 31.14 1.79 5.93
C ASN A 24 30.51 0.43 6.15
N LEU A 25 31.20 -0.41 6.91
CA LEU A 25 30.69 -1.72 7.26
C LEU A 25 30.77 -1.80 8.78
N THR A 26 29.72 -2.33 9.40
CA THR A 26 29.64 -2.45 10.86
C THR A 26 29.64 -3.90 11.28
N CYS A 27 30.52 -4.23 12.21
CA CYS A 27 30.63 -5.58 12.74
C CYS A 27 30.43 -5.42 14.24
N THR A 28 29.35 -5.98 14.75
CA THR A 28 29.09 -5.84 16.18
C THR A 28 28.80 -7.16 16.90
N LEU A 29 28.65 -7.09 18.22
CA LEU A 29 28.36 -8.28 19.04
C LEU A 29 27.07 -8.13 19.86
N THR A 30 26.77 -9.11 20.71
CA THR A 30 25.55 -9.05 21.49
C THR A 30 25.61 -9.53 22.94
N GLY A 31 25.81 -10.82 23.16
CA GLY A 31 25.86 -11.34 24.52
C GLY A 31 27.05 -10.85 25.31
N LEU A 32 28.22 -10.94 24.69
CA LEU A 32 29.48 -10.51 25.29
C LEU A 32 29.34 -9.30 26.20
N ARG A 33 30.14 -9.27 27.27
CA ARG A 33 30.18 -8.16 28.23
C ARG A 33 31.62 -7.96 28.67
N ASP A 34 31.87 -6.89 29.40
CA ASP A 34 33.22 -6.61 29.91
C ASP A 34 34.17 -6.08 28.82
N ALA A 35 35.45 -6.41 28.97
CA ALA A 35 36.55 -6.02 28.08
C ALA A 35 36.26 -4.91 27.10
N SER A 36 36.87 -3.76 27.36
CA SER A 36 36.71 -2.59 26.51
C SER A 36 37.88 -2.47 25.53
N GLY A 37 38.81 -3.41 25.60
CA GLY A 37 39.96 -3.39 24.71
C GLY A 37 39.94 -4.51 23.69
N VAL A 38 39.07 -5.48 23.93
CA VAL A 38 38.91 -6.63 23.05
C VAL A 38 38.44 -6.25 21.66
N THR A 39 39.40 -6.14 20.73
CA THR A 39 39.09 -5.75 19.37
C THR A 39 38.94 -6.91 18.41
N PHE A 40 38.43 -6.56 17.23
CA PHE A 40 38.20 -7.50 16.15
C PHE A 40 39.23 -7.15 15.10
N THR A 41 39.36 -8.00 14.09
CA THR A 41 40.30 -7.81 12.98
C THR A 41 39.55 -7.97 11.65
N TRP A 42 39.73 -7.01 10.75
CA TRP A 42 39.10 -7.03 9.44
C TRP A 42 40.06 -7.57 8.40
N THR A 43 39.57 -8.00 7.25
CA THR A 43 40.45 -8.53 6.22
C THR A 43 41.14 -7.47 5.37
N PRO A 44 40.38 -6.71 4.56
CA PRO A 44 41.09 -5.70 3.77
C PRO A 44 41.65 -4.60 4.66
N SER A 45 42.81 -4.87 5.23
CA SER A 45 43.47 -3.93 6.11
C SER A 45 44.26 -2.92 5.29
N SER A 46 43.55 -2.21 4.41
CA SER A 46 44.17 -1.19 3.57
C SER A 46 44.36 0.07 4.41
N GLY A 47 45.30 -0.01 5.35
CA GLY A 47 45.60 1.12 6.22
C GLY A 47 44.45 1.50 7.12
N LYS A 48 43.41 2.10 6.53
CA LYS A 48 42.23 2.52 7.28
C LYS A 48 41.89 1.50 8.36
N SER A 49 42.00 1.91 9.62
CA SER A 49 41.69 0.98 10.71
C SER A 49 40.26 1.12 11.19
N ALA A 50 39.74 0.04 11.78
CA ALA A 50 38.39 0.04 12.30
C ALA A 50 38.28 1.15 13.32
N VAL A 51 37.13 1.26 13.96
CA VAL A 51 36.90 2.29 14.97
C VAL A 51 35.88 1.71 15.93
N GLN A 52 36.33 1.15 17.06
CA GLN A 52 35.40 0.58 18.03
C GLN A 52 34.48 1.65 18.58
N GLY A 53 33.48 1.24 19.37
CA GLY A 53 32.57 2.23 19.88
C GLY A 53 32.29 2.14 21.36
N PRO A 54 31.40 3.03 21.88
CA PRO A 54 31.00 3.09 23.29
C PRO A 54 30.39 1.77 23.69
N PRO A 55 31.09 0.97 24.48
CA PRO A 55 30.57 -0.33 24.91
C PRO A 55 29.06 -0.49 24.71
N GLU A 56 28.28 0.46 25.22
CA GLU A 56 26.82 0.42 25.12
C GLU A 56 26.29 -0.89 25.74
N ARG A 57 25.17 -0.84 26.46
CA ARG A 57 24.63 -2.05 27.08
C ARG A 57 23.14 -2.30 26.92
N ASP A 58 22.81 -3.47 26.36
CA ASP A 58 21.43 -3.87 26.16
C ASP A 58 20.76 -3.91 27.53
N LEU A 59 19.44 -3.93 27.56
CA LEU A 59 18.78 -4.01 28.85
C LEU A 59 19.17 -5.38 29.37
N CYS A 60 18.84 -5.67 30.61
CA CYS A 60 19.17 -6.96 31.17
C CYS A 60 20.67 -7.17 31.13
N GLY A 61 21.41 -6.10 30.88
CA GLY A 61 22.85 -6.21 30.81
C GLY A 61 23.22 -6.61 29.40
N CYS A 62 24.24 -7.46 29.27
CA CYS A 62 24.72 -7.91 27.97
C CYS A 62 25.14 -6.69 27.16
N TYR A 63 26.44 -6.41 27.18
CA TYR A 63 27.00 -5.27 26.46
C TYR A 63 27.10 -5.62 24.97
N SER A 64 27.57 -4.68 24.16
CA SER A 64 27.67 -4.92 22.73
C SER A 64 28.56 -3.93 22.00
N VAL A 65 29.74 -4.38 21.57
CA VAL A 65 30.67 -3.50 20.87
C VAL A 65 30.56 -3.62 19.35
N SER A 66 30.88 -2.53 18.65
CA SER A 66 30.81 -2.48 17.20
C SER A 66 32.11 -1.94 16.63
N SER A 67 32.38 -2.23 15.35
CA SER A 67 33.60 -1.76 14.70
C SER A 67 33.29 -1.34 13.26
N VAL A 68 33.30 -0.04 12.99
CA VAL A 68 32.99 0.44 11.64
C VAL A 68 34.21 0.62 10.76
N LEU A 69 34.21 -0.06 9.62
CA LEU A 69 35.30 0.02 8.66
C LEU A 69 34.97 1.10 7.64
N PRO A 70 35.66 2.24 7.73
CA PRO A 70 35.55 3.44 6.90
C PRO A 70 35.64 3.26 5.38
N GLY A 71 35.00 4.17 4.67
CA GLY A 71 35.00 4.17 3.23
C GLY A 71 35.15 2.87 2.47
N CYS A 72 34.81 1.74 3.06
CA CYS A 72 34.96 0.50 2.32
C CYS A 72 33.86 0.42 1.26
N ALA A 73 33.57 1.56 0.64
CA ALA A 73 32.52 1.64 -0.38
C ALA A 73 32.91 1.17 -1.78
N GLU A 74 34.13 1.47 -2.22
CA GLU A 74 34.53 1.03 -3.56
C GLU A 74 34.55 -0.50 -3.63
N PRO A 75 35.28 -1.17 -2.70
CA PRO A 75 35.38 -2.63 -2.66
C PRO A 75 34.03 -3.32 -2.66
N TRP A 76 33.10 -2.73 -1.93
CA TRP A 76 31.77 -3.30 -1.85
C TRP A 76 31.21 -3.47 -3.26
N ASN A 77 31.04 -2.35 -3.94
CA ASN A 77 30.50 -2.37 -5.29
C ASN A 77 31.46 -3.10 -6.22
N HIS A 78 32.70 -3.28 -5.77
CA HIS A 78 33.69 -3.95 -6.59
C HIS A 78 33.70 -5.44 -6.43
N GLY A 79 32.70 -5.96 -5.72
CA GLY A 79 32.57 -7.39 -5.55
C GLY A 79 33.49 -8.07 -4.56
N LYS A 80 34.37 -7.33 -3.89
CA LYS A 80 35.26 -7.97 -2.93
C LYS A 80 34.45 -8.45 -1.72
N THR A 81 35.01 -9.35 -0.93
CA THR A 81 34.32 -9.88 0.25
C THR A 81 35.05 -9.52 1.55
N PHE A 82 34.28 -9.15 2.58
CA PHE A 82 34.86 -8.77 3.88
C PHE A 82 34.74 -9.86 4.92
N THR A 83 35.63 -9.79 5.89
CA THR A 83 35.65 -10.77 6.96
C THR A 83 36.01 -10.09 8.27
N CYS A 84 35.14 -10.25 9.25
CA CYS A 84 35.35 -9.64 10.54
C CYS A 84 35.43 -10.68 11.63
N THR A 85 36.54 -10.69 12.39
CA THR A 85 36.66 -11.67 13.46
C THR A 85 36.90 -10.97 14.79
N ALA A 86 36.03 -11.24 15.76
CA ALA A 86 36.12 -10.63 17.08
C ALA A 86 36.64 -11.59 18.13
N ALA A 87 37.52 -11.09 19.00
CA ALA A 87 38.10 -11.89 20.07
C ALA A 87 37.78 -11.25 21.41
N TYR A 88 37.22 -12.03 22.34
CA TYR A 88 36.87 -11.51 23.66
C TYR A 88 37.38 -12.41 24.80
N PRO A 89 37.29 -11.94 26.06
CA PRO A 89 37.75 -12.73 27.20
C PRO A 89 36.60 -13.57 27.73
N GLU A 90 35.69 -13.90 26.81
CA GLU A 90 34.53 -14.70 27.16
C GLU A 90 34.78 -16.14 26.75
N SER A 91 35.32 -16.32 25.54
CA SER A 91 35.62 -17.65 25.02
C SER A 91 36.98 -17.64 24.35
N LYS A 92 37.79 -18.64 24.65
CA LYS A 92 39.11 -18.72 24.04
C LYS A 92 38.94 -18.96 22.55
N THR A 93 37.68 -19.17 22.16
CA THR A 93 37.31 -19.40 20.76
C THR A 93 36.60 -18.15 20.21
N PRO A 94 37.18 -17.51 19.18
CA PRO A 94 36.64 -16.31 18.53
C PRO A 94 35.49 -16.53 17.53
N LEU A 95 34.81 -15.44 17.18
CA LEU A 95 33.70 -15.49 16.23
C LEU A 95 34.05 -14.84 14.89
N THR A 96 33.70 -15.51 13.80
CA THR A 96 33.99 -15.02 12.45
C THR A 96 32.77 -14.64 11.63
N ALA A 97 32.83 -13.45 11.02
CA ALA A 97 31.75 -12.93 10.19
C ALA A 97 32.26 -12.62 8.78
N THR A 98 31.50 -13.03 7.78
CA THR A 98 31.89 -12.83 6.39
C THR A 98 30.74 -12.31 5.54
N LEU A 99 31.00 -11.25 4.78
CA LEU A 99 29.97 -10.67 3.91
C LEU A 99 30.49 -10.02 2.64
N SER A 100 29.70 -10.11 1.57
CA SER A 100 30.02 -9.52 0.26
C SER A 100 28.74 -9.09 -0.47
N LYS A 101 28.89 -8.15 -1.40
CA LYS A 101 27.77 -7.61 -2.19
C LYS A 101 27.04 -8.69 -2.96
N SER A 102 25.75 -8.82 -2.66
CA SER A 102 24.87 -9.84 -3.27
C SER A 102 24.93 -10.04 -4.77
N GLY A 103 24.85 -11.30 -5.16
CA GLY A 103 24.81 -11.68 -6.57
C GLY A 103 23.40 -12.25 -6.66
N ASN A 104 22.87 -12.48 -7.85
CA ASN A 104 21.51 -12.99 -7.94
C ASN A 104 20.55 -11.97 -7.30
N THR A 105 20.31 -10.87 -8.01
CA THR A 105 19.44 -9.78 -7.54
C THR A 105 18.14 -9.71 -8.32
N PHE A 106 17.36 -8.65 -8.08
CA PHE A 106 16.07 -8.38 -8.77
C PHE A 106 15.60 -6.95 -8.65
N ARG A 107 15.48 -6.28 -9.78
CA ARG A 107 15.03 -4.90 -9.88
C ARG A 107 13.62 -4.72 -9.32
N PRO A 108 13.39 -3.62 -8.60
CA PRO A 108 12.05 -3.39 -8.05
C PRO A 108 11.01 -3.17 -9.14
N GLU A 109 9.82 -3.69 -8.92
CA GLU A 109 8.74 -3.48 -9.86
C GLU A 109 8.01 -2.34 -9.22
N VAL A 110 8.15 -1.16 -9.80
CA VAL A 110 7.51 0.01 -9.22
C VAL A 110 6.20 0.37 -9.90
N HIS A 111 5.19 0.56 -9.06
CA HIS A 111 3.87 0.89 -9.52
C HIS A 111 3.30 2.11 -8.80
N LEU A 112 2.98 3.15 -9.55
CA LEU A 112 2.42 4.32 -8.92
C LEU A 112 0.91 4.16 -9.07
N LEU A 113 0.20 4.32 -7.95
CA LEU A 113 -1.23 4.13 -7.98
C LEU A 113 -2.08 5.35 -7.71
N PRO A 114 -3.11 5.57 -8.54
CA PRO A 114 -4.07 6.68 -8.48
C PRO A 114 -4.90 6.68 -7.21
N PRO A 115 -5.39 7.86 -6.82
CA PRO A 115 -6.22 8.10 -5.63
C PRO A 115 -7.51 7.28 -5.63
N PRO A 116 -8.02 6.95 -4.43
CA PRO A 116 -9.25 6.16 -4.27
C PRO A 116 -10.42 6.84 -4.99
N SER A 117 -11.15 6.05 -5.77
CA SER A 117 -12.30 6.57 -6.52
C SER A 117 -13.15 7.54 -5.69
N GLU A 118 -13.03 7.43 -4.37
CA GLU A 118 -13.80 8.26 -3.44
C GLU A 118 -13.00 9.38 -2.80
N GLU A 119 -11.80 9.08 -2.32
CA GLU A 119 -10.95 10.08 -1.67
C GLU A 119 -10.96 11.44 -2.37
N LEU A 120 -11.26 11.43 -3.66
CA LEU A 120 -11.28 12.65 -4.47
C LEU A 120 -12.64 13.33 -4.51
N ALA A 121 -13.71 12.55 -4.40
CA ALA A 121 -15.04 13.10 -4.41
C ALA A 121 -15.36 13.65 -3.01
N LEU A 122 -14.41 14.41 -2.47
CA LEU A 122 -14.52 15.06 -1.18
C LEU A 122 -13.58 16.26 -1.23
N ASN A 123 -12.96 16.43 -2.40
CA ASN A 123 -12.02 17.50 -2.69
C ASN A 123 -11.19 18.00 -1.51
N GLU A 124 -10.63 17.07 -0.74
CA GLU A 124 -9.81 17.45 0.40
C GLU A 124 -8.34 17.10 0.16
N LEU A 125 -7.98 15.84 0.42
CA LEU A 125 -6.63 15.35 0.21
C LEU A 125 -6.76 14.01 -0.48
N VAL A 126 -6.10 13.87 -1.62
CA VAL A 126 -6.15 12.60 -2.31
C VAL A 126 -4.95 11.79 -1.80
N THR A 127 -5.03 10.47 -1.92
CA THR A 127 -3.97 9.62 -1.43
C THR A 127 -3.24 8.86 -2.54
N LEU A 128 -1.94 9.11 -2.66
CA LEU A 128 -1.13 8.45 -3.66
C LEU A 128 -0.30 7.33 -3.07
N THR A 129 -0.53 6.12 -3.58
CA THR A 129 0.16 4.92 -3.11
C THR A 129 1.25 4.38 -4.05
N CYS A 130 2.46 4.22 -3.51
CA CYS A 130 3.56 3.69 -4.29
C CYS A 130 3.93 2.30 -3.79
N LEU A 131 4.06 1.35 -4.71
CA LEU A 131 4.36 0.00 -4.33
C LEU A 131 5.53 -0.57 -5.11
N ALA A 132 6.62 -0.84 -4.41
CA ALA A 132 7.78 -1.43 -5.04
C ALA A 132 7.69 -2.89 -4.59
N ARG A 133 7.84 -3.80 -5.55
CA ARG A 133 7.70 -5.23 -5.29
C ARG A 133 8.74 -6.11 -6.00
N GLY A 134 8.80 -7.37 -5.58
CA GLY A 134 9.70 -8.38 -6.14
C GLY A 134 11.16 -8.05 -6.29
N PHE A 135 11.80 -7.47 -5.29
CA PHE A 135 13.21 -7.09 -5.42
C PHE A 135 14.30 -7.78 -4.59
N SER A 136 15.48 -7.83 -5.20
CA SER A 136 16.68 -8.46 -4.68
C SER A 136 16.89 -8.38 -3.19
N PRO A 137 17.76 -7.49 -2.67
CA PRO A 137 17.86 -7.52 -1.22
C PRO A 137 16.75 -6.63 -0.72
N LYS A 138 16.51 -6.60 0.59
CA LYS A 138 15.45 -5.76 1.11
C LYS A 138 15.81 -4.31 1.30
N ASP A 139 17.00 -3.91 0.85
CA ASP A 139 17.43 -2.54 0.99
C ASP A 139 16.94 -1.69 -0.16
N VAL A 140 16.01 -0.78 0.15
CA VAL A 140 15.41 0.08 -0.85
C VAL A 140 15.24 1.49 -0.34
N LEU A 141 15.04 2.42 -1.27
CA LEU A 141 14.83 3.82 -0.94
C LEU A 141 13.58 4.25 -1.69
N VAL A 142 12.75 5.08 -1.05
CA VAL A 142 11.53 5.58 -1.66
C VAL A 142 11.49 7.10 -1.49
N ARG A 143 11.19 7.81 -2.57
CA ARG A 143 11.12 9.27 -2.56
C ARG A 143 9.95 9.82 -3.35
N TRP A 144 9.50 11.00 -2.96
CA TRP A 144 8.37 11.63 -3.61
C TRP A 144 8.61 12.96 -4.28
N LEU A 145 7.98 13.15 -5.43
CA LEU A 145 8.14 14.38 -6.16
C LEU A 145 6.84 14.96 -6.68
N GLN A 146 6.83 16.28 -6.76
CA GLN A 146 5.72 17.06 -7.30
C GLN A 146 6.31 17.65 -8.56
N GLY A 147 6.27 16.87 -9.63
CA GLY A 147 6.84 17.31 -10.89
C GLY A 147 8.36 17.19 -10.91
N SER A 148 9.03 18.24 -10.46
CA SER A 148 10.49 18.28 -10.41
C SER A 148 10.91 18.63 -8.99
N GLN A 149 9.94 18.61 -8.08
CA GLN A 149 10.22 18.95 -6.72
C GLN A 149 10.18 17.75 -5.79
N GLU A 150 11.26 17.56 -5.05
CA GLU A 150 11.29 16.46 -4.11
C GLU A 150 10.67 16.94 -2.80
N LEU A 151 9.57 16.32 -2.39
CA LEU A 151 8.92 16.71 -1.15
C LEU A 151 9.71 16.07 -0.01
N PRO A 152 9.69 16.68 1.18
CA PRO A 152 10.44 16.14 2.33
C PRO A 152 9.94 14.86 3.00
N ARG A 153 10.88 14.15 3.62
CA ARG A 153 10.58 12.91 4.34
C ARG A 153 9.34 13.13 5.22
N GLU A 154 9.32 14.25 5.92
CA GLU A 154 8.23 14.58 6.83
C GLU A 154 6.89 14.67 6.10
N LYS A 155 6.96 14.88 4.79
CA LYS A 155 5.76 15.00 3.98
C LYS A 155 5.18 13.68 3.51
N TYR A 156 5.63 12.56 4.06
CA TYR A 156 5.07 11.27 3.66
C TYR A 156 5.43 10.09 4.52
N LEU A 157 4.79 8.97 4.20
CA LEU A 157 4.99 7.73 4.94
C LEU A 157 5.33 6.53 4.07
N THR A 158 6.46 5.90 4.38
CA THR A 158 6.90 4.73 3.67
C THR A 158 7.01 3.71 4.76
N TRP A 159 6.56 2.49 4.50
CA TRP A 159 6.62 1.43 5.48
C TRP A 159 7.93 0.67 5.30
N ALA A 160 8.21 -0.23 6.25
CA ALA A 160 9.41 -1.03 6.22
C ALA A 160 9.47 -1.91 4.96
N SER A 161 10.63 -2.45 4.67
CA SER A 161 10.82 -3.33 3.52
C SER A 161 10.56 -4.73 4.07
N ARG A 162 9.39 -5.30 3.77
CA ARG A 162 9.03 -6.61 4.25
C ARG A 162 9.31 -7.67 3.21
N GLN A 163 9.19 -8.93 3.59
CA GLN A 163 9.42 -10.03 2.65
C GLN A 163 8.14 -10.51 2.03
N GLU A 164 8.14 -10.61 0.71
CA GLU A 164 6.97 -11.06 -0.02
C GLU A 164 6.70 -12.53 0.17
N PRO A 165 5.42 -12.89 0.36
CA PRO A 165 5.07 -14.29 0.56
C PRO A 165 5.38 -15.03 -0.72
N SER A 166 6.19 -16.08 -0.65
CA SER A 166 6.50 -16.80 -1.88
C SER A 166 6.87 -18.25 -1.70
N GLN A 167 6.83 -18.96 -2.83
CA GLN A 167 7.15 -20.37 -2.90
C GLN A 167 8.50 -20.58 -3.56
N GLY A 168 8.96 -19.58 -4.32
CA GLY A 168 10.24 -19.69 -5.00
C GLY A 168 11.27 -18.65 -4.60
N THR A 169 11.83 -17.96 -5.59
CA THR A 169 12.82 -16.93 -5.36
C THR A 169 12.30 -16.00 -4.25
N THR A 170 13.21 -15.49 -3.39
CA THR A 170 12.79 -14.63 -2.29
C THR A 170 12.86 -13.14 -2.57
N THR A 171 11.70 -12.50 -2.63
CA THR A 171 11.64 -11.09 -2.90
C THR A 171 10.91 -10.28 -1.82
N PHE A 172 11.16 -8.98 -1.80
CA PHE A 172 10.53 -8.13 -0.81
C PHE A 172 9.67 -7.09 -1.44
N ALA A 173 8.98 -6.33 -0.60
CA ALA A 173 8.12 -5.29 -1.10
C ALA A 173 8.06 -4.17 -0.06
N VAL A 174 7.83 -2.95 -0.52
CA VAL A 174 7.73 -1.83 0.37
C VAL A 174 6.64 -0.91 -0.15
N THR A 175 5.96 -0.21 0.75
CA THR A 175 4.92 0.69 0.32
C THR A 175 5.07 2.11 0.85
N SER A 176 4.60 3.08 0.09
CA SER A 176 4.70 4.46 0.52
C SER A 176 3.37 5.17 0.31
N ILE A 177 3.12 6.21 1.08
CA ILE A 177 1.84 6.93 0.99
C ILE A 177 1.98 8.45 1.04
N LEU A 178 1.73 9.09 -0.09
CA LEU A 178 1.78 10.55 -0.22
C LEU A 178 0.39 11.14 -0.31
N ARG A 179 -0.01 11.89 0.70
CA ARG A 179 -1.33 12.50 0.67
C ARG A 179 -1.24 13.89 0.10
N VAL A 180 -1.86 14.11 -1.05
CA VAL A 180 -1.83 15.42 -1.68
C VAL A 180 -3.17 16.14 -1.69
N ALA A 181 -3.11 17.41 -2.06
CA ALA A 181 -4.30 18.23 -2.13
C ALA A 181 -5.13 17.88 -3.36
N ALA A 182 -6.41 17.62 -3.15
CA ALA A 182 -7.25 17.30 -4.28
C ALA A 182 -7.09 18.45 -5.26
N GLU A 183 -7.02 19.66 -4.73
CA GLU A 183 -6.87 20.84 -5.56
C GLU A 183 -5.73 20.69 -6.55
N ASP A 184 -4.55 20.32 -6.06
CA ASP A 184 -3.39 20.14 -6.92
C ASP A 184 -3.56 18.96 -7.87
N TRP A 185 -3.98 17.82 -7.33
CA TRP A 185 -4.20 16.63 -8.14
C TRP A 185 -5.11 16.97 -9.30
N LYS A 186 -6.18 17.71 -8.97
CA LYS A 186 -7.21 18.11 -9.91
C LYS A 186 -6.73 19.09 -10.97
N LYS A 187 -5.94 20.09 -10.59
CA LYS A 187 -5.46 21.06 -11.58
C LYS A 187 -4.53 20.46 -12.63
N GLY A 188 -4.44 19.13 -12.66
CA GLY A 188 -3.62 18.45 -13.66
C GLY A 188 -2.14 18.14 -13.46
N ASP A 189 -1.49 18.68 -12.44
CA ASP A 189 -0.06 18.40 -12.29
C ASP A 189 0.25 16.94 -11.98
N THR A 190 1.53 16.63 -11.92
CA THR A 190 1.98 15.27 -11.70
C THR A 190 2.78 14.97 -10.43
N PHE A 191 2.96 13.68 -10.18
CA PHE A 191 3.70 13.23 -9.02
C PHE A 191 4.56 12.02 -9.35
N SER A 192 5.68 11.91 -8.65
CA SER A 192 6.55 10.79 -8.91
C SER A 192 6.99 10.06 -7.68
N CYS A 193 7.19 8.76 -7.88
CA CYS A 193 7.65 7.90 -6.83
C CYS A 193 9.00 7.37 -7.29
N MET A 194 10.07 7.98 -6.83
CA MET A 194 11.40 7.55 -7.23
C MET A 194 11.91 6.54 -6.21
N VAL A 195 12.42 5.41 -6.70
CA VAL A 195 12.93 4.35 -5.82
C VAL A 195 14.41 4.05 -6.02
N GLY A 196 15.05 3.70 -4.92
CA GLY A 196 16.46 3.36 -4.93
C GLY A 196 16.70 1.88 -4.65
N HIS A 197 17.56 1.26 -5.46
CA HIS A 197 17.90 -0.13 -5.30
C HIS A 197 19.16 -0.44 -6.09
N GLU A 198 19.97 -1.34 -5.58
CA GLU A 198 21.23 -1.69 -6.22
C GLU A 198 21.11 -2.50 -7.48
N ALA A 199 19.94 -3.09 -7.72
CA ALA A 199 19.68 -3.89 -8.93
C ALA A 199 19.18 -3.06 -10.10
N LEU A 200 18.71 -1.85 -9.83
CA LEU A 200 18.22 -0.94 -10.85
C LEU A 200 19.36 -0.29 -11.61
N PRO A 201 19.45 -0.56 -12.91
CA PRO A 201 20.46 -0.06 -13.85
C PRO A 201 21.12 1.26 -13.48
N LEU A 202 20.30 2.30 -13.28
CA LEU A 202 20.81 3.62 -12.95
C LEU A 202 20.72 3.92 -11.47
N ALA A 203 20.65 2.88 -10.65
CA ALA A 203 20.56 3.06 -9.21
C ALA A 203 19.17 3.50 -8.80
N PHE A 204 18.49 4.28 -9.65
CA PHE A 204 17.15 4.74 -9.32
C PHE A 204 16.15 4.49 -10.42
N THR A 205 14.89 4.81 -10.12
CA THR A 205 13.80 4.63 -11.06
C THR A 205 12.73 5.63 -10.69
N GLN A 206 12.02 6.12 -11.70
CA GLN A 206 10.95 7.07 -11.44
C GLN A 206 9.73 6.57 -12.17
N LYS A 207 8.60 6.54 -11.47
CA LYS A 207 7.34 6.13 -12.06
C LYS A 207 6.49 7.35 -11.80
N THR A 208 5.88 7.90 -12.85
CA THR A 208 5.09 9.11 -12.66
C THR A 208 3.61 8.96 -12.96
N ILE A 209 2.79 9.63 -12.17
CA ILE A 209 1.34 9.56 -12.28
C ILE A 209 0.70 10.96 -12.21
N ASP A 210 -0.58 10.99 -12.58
CA ASP A 210 -1.42 12.20 -12.57
C ASP A 210 -2.73 11.75 -13.18
N ARG A 211 -3.69 12.66 -13.29
CA ARG A 211 -4.94 12.27 -13.91
C ARG A 211 -4.58 11.84 -15.33
N CYS B 3 19.99 -8.15 35.95
CA CYS B 3 18.59 -8.28 36.46
C CYS B 3 18.01 -6.93 36.88
N HIS B 4 16.68 -6.83 36.98
CA HIS B 4 16.03 -5.56 37.33
C HIS B 4 14.51 -5.67 37.17
N PRO B 5 13.74 -5.72 38.29
CA PRO B 5 12.28 -5.84 38.29
C PRO B 5 11.45 -4.59 37.90
N ARG B 6 10.52 -4.77 36.95
CA ARG B 6 9.65 -3.70 36.47
C ARG B 6 8.24 -4.25 36.24
N LEU B 7 7.23 -3.42 36.45
CA LEU B 7 5.86 -3.88 36.25
C LEU B 7 5.34 -3.41 34.89
N SER B 8 4.32 -4.09 34.37
CA SER B 8 3.78 -3.74 33.06
C SER B 8 2.31 -4.12 32.87
N LEU B 9 1.55 -3.25 32.20
CA LEU B 9 0.13 -3.52 31.92
C LEU B 9 -0.11 -3.60 30.42
N HIS B 10 -0.95 -4.55 30.01
CA HIS B 10 -1.25 -4.74 28.58
C HIS B 10 -2.74 -4.81 28.21
N ARG B 11 -3.17 -3.89 27.35
CA ARG B 11 -4.56 -3.85 26.90
C ARG B 11 -4.98 -5.19 26.31
N PRO B 12 -6.29 -5.48 26.27
CA PRO B 12 -6.72 -6.76 25.70
C PRO B 12 -6.52 -6.70 24.18
N ALA B 13 -5.88 -7.72 23.63
CA ALA B 13 -5.61 -7.77 22.18
C ALA B 13 -6.86 -7.54 21.35
N LEU B 14 -6.72 -6.80 20.27
CA LEU B 14 -7.85 -6.52 19.40
C LEU B 14 -8.42 -7.83 18.86
N GLU B 15 -7.55 -8.75 18.44
CA GLU B 15 -8.00 -10.05 17.95
C GLU B 15 -9.03 -10.61 18.94
N ASP B 16 -8.66 -10.59 20.21
CA ASP B 16 -9.53 -11.11 21.27
C ASP B 16 -10.73 -10.22 21.45
N LEU B 17 -10.51 -8.90 21.43
CA LEU B 17 -11.60 -7.97 21.61
C LEU B 17 -12.65 -8.07 20.50
N LEU B 18 -12.25 -8.57 19.32
CA LEU B 18 -13.17 -8.68 18.19
C LEU B 18 -13.48 -10.11 17.71
N LEU B 19 -12.73 -11.10 18.18
CA LEU B 19 -12.96 -12.49 17.75
C LEU B 19 -12.84 -13.55 18.84
N GLY B 20 -12.66 -13.12 20.08
CA GLY B 20 -12.57 -14.09 21.15
C GLY B 20 -13.69 -13.90 22.14
N SER B 21 -13.90 -14.92 22.98
CA SER B 21 -14.93 -14.87 24.00
C SER B 21 -14.33 -14.29 25.27
N GLU B 22 -13.48 -15.07 25.92
CA GLU B 22 -12.83 -14.64 27.16
C GLU B 22 -11.77 -13.57 26.91
N ALA B 23 -12.22 -12.35 26.62
CA ALA B 23 -11.31 -11.25 26.40
C ALA B 23 -10.74 -10.85 27.75
N ASN B 24 -9.59 -11.44 28.10
CA ASN B 24 -8.93 -11.16 29.36
C ASN B 24 -7.74 -10.20 29.24
N LEU B 25 -7.45 -9.54 30.35
CA LEU B 25 -6.39 -8.54 30.45
C LEU B 25 -5.16 -9.07 31.20
N THR B 26 -3.98 -8.55 30.91
CA THR B 26 -2.77 -9.02 31.57
C THR B 26 -1.85 -7.98 32.22
N CYS B 27 -1.55 -8.22 33.50
CA CYS B 27 -0.66 -7.38 34.28
C CYS B 27 0.52 -8.31 34.55
N THR B 28 1.72 -7.82 34.35
CA THR B 28 2.86 -8.71 34.52
C THR B 28 4.08 -8.05 35.16
N LEU B 29 4.68 -8.76 36.12
CA LEU B 29 5.87 -8.29 36.85
C LEU B 29 7.10 -9.10 36.44
N THR B 30 8.14 -8.40 36.00
CA THR B 30 9.37 -9.06 35.57
C THR B 30 10.58 -8.58 36.38
N GLY B 31 11.72 -9.22 36.16
CA GLY B 31 12.93 -8.83 36.87
C GLY B 31 13.10 -9.32 38.30
N LEU B 32 12.19 -10.19 38.75
CA LEU B 32 12.26 -10.70 40.10
C LEU B 32 13.34 -11.76 40.18
N ARG B 33 14.08 -11.75 41.29
CA ARG B 33 15.11 -12.74 41.49
C ARG B 33 14.45 -13.78 42.40
N ASP B 34 13.54 -13.28 43.25
CA ASP B 34 12.80 -14.10 44.21
C ASP B 34 12.25 -15.39 43.63
N ALA B 35 10.93 -15.45 43.46
CA ALA B 35 10.26 -16.63 42.91
C ALA B 35 8.76 -16.43 42.85
N SER B 36 8.14 -16.07 43.99
CA SER B 36 6.69 -15.85 44.03
C SER B 36 6.24 -15.15 45.30
N GLY B 37 5.01 -15.48 45.73
CA GLY B 37 4.46 -14.87 46.91
C GLY B 37 4.28 -13.40 46.60
N VAL B 38 3.63 -13.11 45.48
CA VAL B 38 3.42 -11.73 45.05
C VAL B 38 1.94 -11.32 45.08
N THR B 39 1.67 -10.21 45.76
CA THR B 39 0.31 -9.71 45.90
C THR B 39 -0.21 -9.05 44.64
N PHE B 40 -0.99 -9.80 43.88
CA PHE B 40 -1.57 -9.27 42.67
C PHE B 40 -3.04 -8.94 42.94
N THR B 41 -3.28 -7.72 43.40
CA THR B 41 -4.62 -7.25 43.72
C THR B 41 -4.97 -6.08 42.79
N TRP B 42 -6.11 -6.18 42.11
CA TRP B 42 -6.54 -5.13 41.18
C TRP B 42 -7.54 -4.17 41.82
N THR B 43 -8.78 -4.19 41.33
CA THR B 43 -9.86 -3.35 41.85
C THR B 43 -11.21 -3.83 41.33
N PRO B 44 -11.40 -3.89 40.00
CA PRO B 44 -12.69 -4.35 39.49
C PRO B 44 -12.88 -5.85 39.76
N SER B 45 -13.46 -6.18 40.91
CA SER B 45 -13.68 -7.59 41.26
C SER B 45 -14.92 -8.14 40.58
N SER B 46 -14.73 -8.71 39.40
CA SER B 46 -15.80 -9.31 38.60
C SER B 46 -15.22 -10.51 37.86
N GLY B 47 -14.65 -11.43 38.63
CA GLY B 47 -14.06 -12.63 38.08
C GLY B 47 -12.59 -12.70 38.46
N LYS B 48 -12.12 -11.67 39.17
CA LYS B 48 -10.72 -11.58 39.59
C LYS B 48 -10.11 -12.93 39.97
N SER B 49 -9.09 -13.31 39.21
CA SER B 49 -8.39 -14.58 39.43
C SER B 49 -7.02 -14.57 38.76
N ALA B 50 -6.06 -13.97 39.44
CA ALA B 50 -4.70 -13.88 38.93
C ALA B 50 -4.13 -15.27 38.67
N VAL B 51 -2.81 -15.32 38.49
CA VAL B 51 -2.07 -16.57 38.23
C VAL B 51 -0.59 -16.27 38.51
N GLN B 52 0.29 -17.18 38.11
CA GLN B 52 1.73 -17.01 38.28
C GLN B 52 2.54 -17.99 37.44
N GLY B 53 2.44 -19.28 37.76
CA GLY B 53 3.18 -20.29 37.03
C GLY B 53 4.57 -19.80 36.65
N PRO B 54 5.30 -19.15 37.57
CA PRO B 54 6.65 -18.59 37.40
C PRO B 54 7.43 -18.92 36.14
N PRO B 55 7.38 -18.03 35.13
CA PRO B 55 8.08 -18.22 33.85
C PRO B 55 9.52 -17.71 33.83
N GLU B 56 10.48 -18.64 33.80
CA GLU B 56 11.90 -18.27 33.76
C GLU B 56 12.11 -17.42 32.53
N ARG B 57 11.10 -17.43 31.66
CA ARG B 57 11.13 -16.69 30.41
C ARG B 57 11.06 -15.19 30.64
N ASP B 58 11.84 -14.71 31.60
CA ASP B 58 11.90 -13.28 31.89
C ASP B 58 12.70 -12.69 30.74
N LEU B 59 12.96 -13.53 29.74
CA LEU B 59 13.72 -13.15 28.58
C LEU B 59 15.04 -12.66 29.08
N CYS B 60 15.30 -12.90 30.37
CA CYS B 60 16.54 -12.45 30.99
C CYS B 60 17.07 -13.34 32.10
N GLY B 61 18.34 -13.14 32.43
CA GLY B 61 18.98 -13.92 33.47
C GLY B 61 18.38 -13.78 34.85
N CYS B 62 17.05 -13.90 34.91
CA CYS B 62 16.30 -13.81 36.17
C CYS B 62 14.79 -13.67 35.88
N TYR B 63 14.08 -14.79 36.03
CA TYR B 63 12.64 -14.89 35.77
C TYR B 63 11.66 -13.91 36.43
N SER B 64 10.37 -14.25 36.32
CA SER B 64 9.28 -13.46 36.87
C SER B 64 7.95 -14.19 36.71
N VAL B 65 6.85 -13.54 37.11
CA VAL B 65 5.51 -14.10 37.00
C VAL B 65 4.54 -13.01 36.59
N SER B 66 3.32 -13.42 36.26
CA SER B 66 2.29 -12.49 35.81
C SER B 66 0.92 -12.76 36.40
N SER B 67 -0.04 -11.86 36.15
CA SER B 67 -1.40 -11.99 36.64
C SER B 67 -2.46 -11.67 35.59
N VAL B 68 -3.51 -12.51 35.54
CA VAL B 68 -4.59 -12.31 34.58
C VAL B 68 -5.91 -11.97 35.28
N LEU B 69 -6.77 -11.25 34.56
CA LEU B 69 -8.07 -10.83 35.06
C LEU B 69 -9.16 -11.20 34.04
N PRO B 70 -9.45 -12.49 33.90
CA PRO B 70 -10.47 -12.99 32.97
C PRO B 70 -11.84 -12.37 33.23
N GLY B 71 -12.66 -12.33 32.18
CA GLY B 71 -14.00 -11.78 32.32
C GLY B 71 -14.09 -10.34 31.85
N CYS B 72 -13.06 -9.57 32.16
CA CYS B 72 -13.00 -8.16 31.77
C CYS B 72 -12.89 -7.98 30.26
N ALA B 73 -13.97 -8.32 29.57
CA ALA B 73 -14.05 -8.18 28.12
C ALA B 73 -14.86 -6.92 27.82
N GLU B 74 -15.88 -6.69 28.63
CA GLU B 74 -16.79 -5.54 28.50
C GLU B 74 -16.35 -4.28 29.26
N PRO B 75 -15.90 -4.41 30.53
CA PRO B 75 -15.47 -3.24 31.29
C PRO B 75 -14.50 -2.40 30.48
N TRP B 76 -13.77 -3.08 29.61
CA TRP B 76 -12.77 -2.45 28.76
C TRP B 76 -13.36 -1.54 27.70
N ASN B 77 -14.43 -2.01 27.06
CA ASN B 77 -15.08 -1.21 26.02
C ASN B 77 -15.72 0.04 26.62
N HIS B 78 -16.21 -0.08 27.85
CA HIS B 78 -16.83 1.06 28.53
C HIS B 78 -15.78 2.14 28.76
N GLY B 79 -14.63 1.73 29.28
CA GLY B 79 -13.54 2.66 29.51
C GLY B 79 -13.25 3.00 30.95
N LYS B 80 -13.09 1.99 31.80
CA LYS B 80 -12.79 2.24 33.21
C LYS B 80 -11.29 2.17 33.43
N THR B 81 -10.81 2.89 34.43
CA THR B 81 -9.37 2.90 34.74
C THR B 81 -8.99 1.72 35.66
N PHE B 82 -8.46 0.66 35.07
CA PHE B 82 -8.04 -0.54 35.80
C PHE B 82 -6.75 -0.29 36.59
N THR B 83 -6.67 -0.85 37.79
CA THR B 83 -5.47 -0.69 38.61
C THR B 83 -4.92 -2.01 39.10
N CYS B 84 -3.71 -2.32 38.67
CA CYS B 84 -3.06 -3.56 39.07
C CYS B 84 -1.87 -3.26 39.97
N THR B 85 -2.08 -3.34 41.28
CA THR B 85 -1.01 -3.09 42.24
C THR B 85 -0.24 -4.37 42.46
N ALA B 86 1.08 -4.29 42.32
CA ALA B 86 1.94 -5.45 42.49
C ALA B 86 2.80 -5.34 43.73
N ALA B 87 2.78 -6.40 44.54
CA ALA B 87 3.57 -6.44 45.76
C ALA B 87 4.56 -7.60 45.68
N TYR B 88 5.84 -7.29 45.76
CA TYR B 88 6.88 -8.30 45.68
C TYR B 88 7.92 -8.14 46.80
N PRO B 89 8.73 -9.18 47.04
CA PRO B 89 9.76 -9.15 48.07
C PRO B 89 10.73 -7.98 47.98
N GLU B 90 11.95 -8.26 47.48
CA GLU B 90 13.02 -7.26 47.35
C GLU B 90 12.79 -5.92 48.04
N SER B 91 11.99 -5.04 47.44
CA SER B 91 11.70 -3.72 48.02
C SER B 91 10.29 -3.60 48.57
N LYS B 92 10.07 -2.60 49.42
CA LYS B 92 8.76 -2.39 50.03
C LYS B 92 7.77 -1.77 49.03
N THR B 93 7.60 -0.46 49.11
CA THR B 93 6.68 0.25 48.22
C THR B 93 6.47 -0.51 46.92
N PRO B 94 5.37 -1.27 46.85
CA PRO B 94 4.99 -2.08 45.68
C PRO B 94 5.01 -1.28 44.39
N LEU B 95 4.75 -1.97 43.29
CA LEU B 95 4.74 -1.34 41.97
C LEU B 95 3.30 -1.26 41.46
N THR B 96 2.97 -0.15 40.79
CA THR B 96 1.62 0.04 40.27
C THR B 96 1.49 0.84 38.99
N ALA B 97 1.12 0.16 37.92
CA ALA B 97 0.91 0.81 36.64
C ALA B 97 -0.57 0.55 36.36
N THR B 98 -1.22 1.50 35.71
CA THR B 98 -2.65 1.37 35.41
C THR B 98 -3.04 2.09 34.13
N LEU B 99 -3.82 1.41 33.29
CA LEU B 99 -4.27 2.01 32.04
C LEU B 99 -5.75 1.73 31.82
N SER B 100 -6.36 2.47 30.91
CA SER B 100 -7.76 2.29 30.59
C SER B 100 -7.88 2.36 29.08
N LYS B 101 -9.10 2.53 28.58
CA LYS B 101 -9.35 2.64 27.16
C LYS B 101 -8.71 3.93 26.65
N SER B 102 -8.55 4.03 25.34
CA SER B 102 -7.99 5.22 24.73
C SER B 102 -9.14 6.07 24.22
N GLY B 103 -9.05 7.37 24.44
CA GLY B 103 -10.10 8.26 23.97
C GLY B 103 -9.54 8.95 22.74
N ASN B 104 -10.35 9.81 22.13
CA ASN B 104 -9.89 10.52 20.95
C ASN B 104 -9.60 9.48 19.86
N THR B 105 -10.66 8.90 19.30
CA THR B 105 -10.53 7.89 18.28
C THR B 105 -11.28 8.21 16.99
N PHE B 106 -10.76 7.65 15.90
CA PHE B 106 -11.32 7.83 14.56
C PHE B 106 -11.28 6.48 13.85
N ARG B 107 -12.23 6.26 12.94
CA ARG B 107 -12.34 5.01 12.20
C ARG B 107 -11.42 4.92 11.00
N PRO B 108 -11.23 3.71 10.47
CA PRO B 108 -10.37 3.51 9.31
C PRO B 108 -11.11 3.87 8.04
N GLU B 109 -10.40 4.52 7.14
CA GLU B 109 -10.94 4.92 5.85
C GLU B 109 -10.34 3.88 4.93
N VAL B 110 -11.03 2.75 4.79
CA VAL B 110 -10.54 1.66 3.95
C VAL B 110 -10.59 1.94 2.46
N HIS B 111 -9.62 1.42 1.72
CA HIS B 111 -9.61 1.62 0.29
C HIS B 111 -9.03 0.37 -0.37
N LEU B 112 -9.75 -0.18 -1.34
CA LEU B 112 -9.25 -1.37 -2.03
C LEU B 112 -8.86 -0.98 -3.46
N LEU B 113 -7.57 -0.76 -3.68
CA LEU B 113 -7.09 -0.34 -5.00
C LEU B 113 -6.93 -1.48 -5.99
N PRO B 114 -7.27 -1.23 -7.26
CA PRO B 114 -7.18 -2.20 -8.36
C PRO B 114 -5.73 -2.48 -8.71
N PRO B 115 -5.48 -3.45 -9.58
CA PRO B 115 -4.09 -3.76 -9.95
C PRO B 115 -3.48 -2.69 -10.87
N PRO B 116 -2.14 -2.60 -10.91
CA PRO B 116 -1.43 -1.63 -11.76
C PRO B 116 -1.65 -2.00 -13.21
N SER B 117 -1.98 -1.03 -14.05
CA SER B 117 -2.23 -1.33 -15.47
C SER B 117 -1.19 -2.28 -16.02
N GLU B 118 0.07 -2.03 -15.66
CA GLU B 118 1.19 -2.84 -16.12
C GLU B 118 1.11 -4.33 -15.79
N GLU B 119 0.51 -4.67 -14.66
CA GLU B 119 0.42 -6.07 -14.32
C GLU B 119 -0.65 -6.76 -15.15
N LEU B 120 -1.69 -6.03 -15.52
CA LEU B 120 -2.74 -6.62 -16.33
C LEU B 120 -2.13 -6.95 -17.67
N ALA B 121 -1.12 -6.17 -18.05
CA ALA B 121 -0.39 -6.35 -19.30
C ALA B 121 0.44 -7.63 -19.26
N LEU B 122 1.38 -7.72 -18.32
CA LEU B 122 2.23 -8.89 -18.19
C LEU B 122 1.34 -10.12 -17.98
N ASN B 123 0.07 -9.84 -17.75
CA ASN B 123 -0.95 -10.88 -17.57
C ASN B 123 -0.43 -12.14 -16.86
N GLU B 124 0.13 -11.99 -15.66
CA GLU B 124 0.60 -13.14 -14.89
C GLU B 124 -0.04 -13.22 -13.52
N LEU B 125 0.32 -12.26 -12.66
CA LEU B 125 -0.21 -12.14 -11.30
C LEU B 125 -0.46 -10.68 -11.02
N VAL B 126 -1.72 -10.31 -10.94
CA VAL B 126 -2.07 -8.92 -10.66
C VAL B 126 -2.03 -8.68 -9.15
N THR B 127 -1.68 -7.46 -8.74
CA THR B 127 -1.57 -7.15 -7.32
C THR B 127 -2.64 -6.21 -6.73
N LEU B 128 -3.40 -6.73 -5.77
CA LEU B 128 -4.45 -6.00 -5.11
C LEU B 128 -3.94 -5.34 -3.84
N THR B 129 -4.01 -4.03 -3.78
CA THR B 129 -3.52 -3.26 -2.65
C THR B 129 -4.60 -2.79 -1.69
N CYS B 130 -4.42 -3.00 -0.41
CA CYS B 130 -5.41 -2.50 0.53
C CYS B 130 -4.81 -1.44 1.43
N LEU B 131 -5.51 -0.32 1.55
CA LEU B 131 -5.03 0.75 2.39
C LEU B 131 -6.10 1.25 3.36
N ALA B 132 -5.80 1.12 4.65
CA ALA B 132 -6.68 1.56 5.73
C ALA B 132 -5.92 2.73 6.31
N ARG B 133 -6.61 3.82 6.61
CA ARG B 133 -5.93 5.01 7.09
C ARG B 133 -6.79 5.96 7.91
N GLY B 134 -6.16 6.75 8.77
CA GLY B 134 -6.91 7.71 9.54
C GLY B 134 -7.54 7.22 10.82
N PHE B 135 -7.35 5.95 11.15
CA PHE B 135 -7.92 5.43 12.38
C PHE B 135 -7.00 5.79 13.56
N SER B 136 -7.54 5.77 14.77
CA SER B 136 -6.72 6.13 15.92
C SER B 136 -5.98 5.00 16.60
N PRO B 137 -6.65 4.27 17.52
CA PRO B 137 -5.94 3.18 18.19
C PRO B 137 -5.12 2.37 17.20
N LYS B 138 -3.86 2.76 17.06
CA LYS B 138 -2.93 2.08 16.18
C LYS B 138 -3.41 0.65 15.87
N ASP B 139 -3.79 -0.09 16.91
CA ASP B 139 -4.24 -1.48 16.78
C ASP B 139 -5.32 -1.72 15.74
N VAL B 140 -5.01 -2.52 14.71
CA VAL B 140 -5.99 -2.87 13.66
C VAL B 140 -5.76 -4.23 13.02
N LEU B 141 -6.84 -4.83 12.53
CA LEU B 141 -6.77 -6.14 11.88
C LEU B 141 -7.03 -5.99 10.38
N VAL B 142 -6.46 -6.89 9.59
CA VAL B 142 -6.64 -6.88 8.15
C VAL B 142 -6.64 -8.31 7.62
N ARG B 143 -7.68 -8.63 6.84
CA ARG B 143 -7.85 -9.95 6.28
C ARG B 143 -8.37 -9.87 4.85
N TRP B 144 -8.21 -10.97 4.12
CA TRP B 144 -8.63 -10.99 2.72
C TRP B 144 -9.65 -12.04 2.35
N LEU B 145 -10.36 -11.74 1.29
CA LEU B 145 -11.38 -12.64 0.81
C LEU B 145 -11.37 -12.74 -0.70
N GLN B 146 -11.59 -13.95 -1.19
CA GLN B 146 -11.70 -14.17 -2.61
C GLN B 146 -13.19 -14.43 -2.66
N GLY B 147 -13.94 -13.41 -3.08
CA GLY B 147 -15.37 -13.53 -3.17
C GLY B 147 -15.99 -13.62 -1.79
N SER B 148 -16.24 -14.83 -1.33
CA SER B 148 -16.87 -15.00 -0.03
C SER B 148 -16.02 -15.84 0.90
N GLN B 149 -14.86 -16.28 0.41
CA GLN B 149 -13.96 -17.11 1.19
C GLN B 149 -12.71 -16.37 1.68
N GLU B 150 -12.50 -16.37 3.01
CA GLU B 150 -11.35 -15.71 3.60
C GLU B 150 -10.08 -16.46 3.22
N LEU B 151 -9.13 -15.75 2.63
CA LEU B 151 -7.87 -16.34 2.24
C LEU B 151 -6.98 -16.37 3.46
N PRO B 152 -6.15 -17.40 3.61
CA PRO B 152 -5.21 -17.60 4.74
C PRO B 152 -4.21 -16.45 4.80
N ARG B 153 -3.73 -16.10 5.98
CA ARG B 153 -2.76 -15.00 6.08
C ARG B 153 -1.48 -15.41 5.34
N GLU B 154 -1.17 -16.69 5.39
CA GLU B 154 0.02 -17.22 4.73
C GLU B 154 0.06 -16.79 3.26
N LYS B 155 -1.06 -16.35 2.73
CA LYS B 155 -1.13 -15.98 1.32
C LYS B 155 -1.13 -14.50 0.97
N TYR B 156 -0.75 -13.63 1.91
CA TYR B 156 -0.69 -12.19 1.62
C TYR B 156 0.25 -11.45 2.57
N LEU B 157 0.54 -10.21 2.25
CA LEU B 157 1.45 -9.39 3.07
C LEU B 157 0.76 -8.17 3.65
N THR B 158 0.91 -7.98 4.95
CA THR B 158 0.33 -6.82 5.62
C THR B 158 1.38 -6.09 6.42
N TRP B 159 1.62 -4.83 6.08
CA TRP B 159 2.61 -4.02 6.77
C TRP B 159 2.16 -3.68 8.19
N ALA B 160 3.04 -3.03 8.95
CA ALA B 160 2.71 -2.67 10.31
C ALA B 160 2.00 -1.34 10.36
N SER B 161 0.96 -1.26 11.15
CA SER B 161 0.22 -0.02 11.31
C SER B 161 1.19 1.08 11.75
N ARG B 162 1.40 2.08 10.90
CA ARG B 162 2.32 3.18 11.23
C ARG B 162 1.51 4.47 11.45
N GLN B 163 2.14 5.49 12.04
CA GLN B 163 1.49 6.78 12.27
C GLN B 163 1.76 7.65 11.06
N GLU B 164 0.76 8.38 10.58
CA GLU B 164 0.94 9.23 9.41
C GLU B 164 1.37 10.64 9.72
N PRO B 165 1.66 11.43 8.68
CA PRO B 165 2.08 12.81 8.92
C PRO B 165 0.88 13.76 9.02
N SER B 166 0.84 14.53 10.11
CA SER B 166 -0.23 15.49 10.33
C SER B 166 0.16 16.39 11.49
N GLN B 167 -0.27 17.65 11.43
CA GLN B 167 0.04 18.62 12.47
C GLN B 167 -1.09 18.69 13.50
N GLY B 168 -1.62 17.53 13.87
CA GLY B 168 -2.71 17.49 14.83
C GLY B 168 -3.20 16.08 15.14
N THR B 169 -4.47 15.84 14.84
CA THR B 169 -5.08 14.53 15.08
C THR B 169 -4.14 13.40 14.70
N THR B 170 -3.62 12.73 15.71
CA THR B 170 -2.69 11.62 15.54
C THR B 170 -3.46 10.47 14.94
N THR B 171 -3.12 10.10 13.70
CA THR B 171 -3.81 9.00 13.03
C THR B 171 -2.82 8.00 12.43
N PHE B 172 -3.25 6.75 12.29
CA PHE B 172 -2.39 5.70 11.75
C PHE B 172 -2.87 5.14 10.41
N ALA B 173 -1.95 4.55 9.66
CA ALA B 173 -2.29 3.97 8.37
C ALA B 173 -1.66 2.58 8.14
N VAL B 174 -2.40 1.69 7.48
CA VAL B 174 -1.92 0.35 7.19
C VAL B 174 -2.19 -0.03 5.76
N THR B 175 -1.21 -0.66 5.13
CA THR B 175 -1.37 -1.11 3.75
C THR B 175 -1.20 -2.62 3.72
N SER B 176 -1.64 -3.25 2.63
CA SER B 176 -1.48 -4.70 2.49
C SER B 176 -1.54 -5.06 1.03
N ILE B 177 -0.79 -6.10 0.68
CA ILE B 177 -0.73 -6.55 -0.69
C ILE B 177 -1.21 -7.97 -0.88
N LEU B 178 -2.07 -8.19 -1.85
CA LEU B 178 -2.53 -9.54 -2.16
C LEU B 178 -2.33 -9.77 -3.64
N ARG B 179 -1.43 -10.68 -3.99
CA ARG B 179 -1.16 -10.98 -5.37
C ARG B 179 -2.04 -12.13 -5.82
N VAL B 180 -2.80 -11.90 -6.88
CA VAL B 180 -3.69 -12.91 -7.36
C VAL B 180 -3.47 -13.31 -8.81
N ALA B 181 -3.92 -14.52 -9.13
CA ALA B 181 -3.81 -15.08 -10.47
C ALA B 181 -4.49 -14.17 -11.50
N ALA B 182 -3.76 -13.88 -12.57
CA ALA B 182 -4.25 -13.02 -13.65
C ALA B 182 -5.63 -13.45 -14.12
N GLU B 183 -5.78 -14.75 -14.35
CA GLU B 183 -7.03 -15.33 -14.80
C GLU B 183 -8.14 -14.85 -13.88
N ASP B 184 -8.19 -15.42 -12.67
CA ASP B 184 -9.19 -15.08 -11.67
C ASP B 184 -9.60 -13.60 -11.66
N TRP B 185 -8.67 -12.68 -11.89
CA TRP B 185 -9.04 -11.27 -11.88
C TRP B 185 -9.86 -10.95 -13.11
N LYS B 186 -9.36 -11.38 -14.27
CA LYS B 186 -10.04 -11.16 -15.55
C LYS B 186 -11.26 -12.06 -15.64
N LYS B 187 -11.14 -13.25 -15.04
CA LYS B 187 -12.24 -14.22 -15.00
C LYS B 187 -13.47 -13.45 -14.54
N GLY B 188 -13.36 -12.82 -13.37
CA GLY B 188 -14.46 -12.03 -12.85
C GLY B 188 -14.65 -12.00 -11.35
N ASP B 189 -14.39 -13.12 -10.67
CA ASP B 189 -14.60 -13.14 -9.22
C ASP B 189 -13.90 -12.03 -8.46
N THR B 190 -14.60 -11.53 -7.45
CA THR B 190 -14.14 -10.43 -6.63
C THR B 190 -13.23 -10.76 -5.46
N PHE B 191 -12.63 -9.70 -4.92
CA PHE B 191 -11.75 -9.78 -3.79
C PHE B 191 -12.17 -8.75 -2.80
N SER B 192 -11.90 -9.00 -1.53
CA SER B 192 -12.27 -8.03 -0.53
C SER B 192 -11.26 -7.85 0.57
N CYS B 193 -11.21 -6.62 1.08
CA CYS B 193 -10.32 -6.27 2.16
C CYS B 193 -11.19 -6.07 3.36
N MET B 194 -10.85 -6.74 4.46
CA MET B 194 -11.64 -6.63 5.67
C MET B 194 -10.79 -6.14 6.82
N VAL B 195 -11.06 -4.92 7.26
CA VAL B 195 -10.32 -4.30 8.33
C VAL B 195 -11.16 -4.35 9.60
N GLY B 196 -10.53 -4.60 10.74
CA GLY B 196 -11.25 -4.63 12.00
C GLY B 196 -10.80 -3.44 12.83
N HIS B 197 -11.62 -2.97 13.75
CA HIS B 197 -11.22 -1.80 14.54
C HIS B 197 -12.23 -1.48 15.63
N GLU B 198 -11.77 -0.80 16.69
CA GLU B 198 -12.64 -0.40 17.81
C GLU B 198 -13.60 0.71 17.42
N ALA B 199 -13.10 1.64 16.62
CA ALA B 199 -13.87 2.80 16.18
C ALA B 199 -14.88 2.52 15.06
N LEU B 200 -14.86 1.31 14.51
CA LEU B 200 -15.80 0.97 13.46
C LEU B 200 -17.13 0.64 14.14
N PRO B 201 -18.23 0.71 13.39
CA PRO B 201 -19.53 0.41 14.00
C PRO B 201 -19.64 -1.08 14.28
N LEU B 202 -19.64 -1.86 13.21
CA LEU B 202 -19.74 -3.28 13.38
C LEU B 202 -18.36 -3.88 13.50
N ALA B 203 -17.41 -3.07 13.96
CA ALA B 203 -16.02 -3.47 14.18
C ALA B 203 -15.28 -3.95 12.94
N PHE B 204 -15.99 -4.08 11.82
CA PHE B 204 -15.40 -4.54 10.57
C PHE B 204 -16.06 -3.89 9.37
N THR B 205 -15.24 -3.42 8.44
CA THR B 205 -15.76 -2.86 7.21
C THR B 205 -15.22 -3.84 6.21
N GLN B 206 -15.79 -3.87 5.02
CA GLN B 206 -15.35 -4.79 4.00
C GLN B 206 -15.49 -4.07 2.69
N LYS B 207 -14.37 -3.83 2.02
CA LYS B 207 -14.39 -3.15 0.74
C LYS B 207 -14.16 -4.21 -0.32
N THR B 208 -14.98 -4.17 -1.37
CA THR B 208 -14.87 -5.13 -2.46
C THR B 208 -14.69 -4.48 -3.81
N ILE B 209 -13.84 -5.08 -4.63
CA ILE B 209 -13.50 -4.60 -5.96
C ILE B 209 -13.34 -5.79 -6.91
N ASP B 210 -13.64 -5.57 -8.19
CA ASP B 210 -13.54 -6.62 -9.21
C ASP B 210 -13.10 -5.98 -10.52
N ARG B 211 -13.30 -6.67 -11.65
CA ARG B 211 -12.93 -6.13 -12.95
C ARG B 211 -13.85 -4.97 -13.40
N TYR C 11 -20.80 4.95 -0.81
CA TYR C 11 -22.05 4.72 -1.61
C TYR C 11 -21.82 4.94 -3.11
N ASP C 12 -21.22 3.96 -3.76
CA ASP C 12 -20.97 4.05 -5.19
C ASP C 12 -21.69 2.91 -5.90
N ILE C 13 -22.73 3.30 -6.63
CA ILE C 13 -23.55 2.38 -7.40
C ILE C 13 -23.32 0.88 -7.20
N LYS C 14 -22.18 0.38 -7.65
CA LYS C 14 -21.84 -1.05 -7.55
C LYS C 14 -22.04 -1.64 -6.15
N ASP C 15 -21.66 -0.89 -5.12
CA ASP C 15 -21.79 -1.32 -3.72
C ASP C 15 -23.25 -1.30 -3.25
N LEU C 16 -24.04 -0.34 -3.78
CA LEU C 16 -25.45 -0.22 -3.43
C LEU C 16 -26.26 -1.29 -4.15
N HIS C 17 -25.95 -1.53 -5.41
CA HIS C 17 -26.65 -2.56 -6.14
C HIS C 17 -26.32 -3.83 -5.36
N ARG C 18 -25.03 -4.09 -5.20
CA ARG C 18 -24.53 -5.24 -4.44
C ARG C 18 -25.44 -5.46 -3.21
N TYR C 19 -25.31 -4.56 -2.24
CA TYR C 19 -26.07 -4.57 -0.98
C TYR C 19 -27.58 -4.67 -1.10
N TYR C 20 -28.21 -3.68 -1.72
CA TYR C 20 -29.67 -3.71 -1.84
C TYR C 20 -30.20 -4.84 -2.71
N SER C 21 -29.32 -5.75 -3.08
CA SER C 21 -29.72 -6.87 -3.90
C SER C 21 -29.66 -8.15 -3.08
N SER C 22 -28.66 -8.23 -2.20
CA SER C 22 -28.46 -9.39 -1.34
C SER C 22 -29.74 -9.98 -0.75
N GLU C 23 -29.65 -11.25 -0.39
CA GLU C 23 -30.78 -11.98 0.17
C GLU C 23 -31.05 -11.53 1.58
N SER C 24 -32.33 -11.31 1.89
CA SER C 24 -32.77 -10.87 3.23
C SER C 24 -33.60 -11.97 3.88
N PHE C 25 -33.36 -12.22 5.15
CA PHE C 25 -34.08 -13.25 5.87
C PHE C 25 -35.05 -12.69 6.90
N GLU C 26 -36.15 -13.39 7.07
CA GLU C 26 -37.17 -12.97 8.01
C GLU C 26 -37.46 -14.06 9.01
N PHE C 27 -36.58 -14.16 9.99
CA PHE C 27 -36.71 -15.17 11.03
C PHE C 27 -37.86 -14.81 11.97
N SER C 28 -38.31 -15.80 12.74
CA SER C 28 -39.41 -15.62 13.68
C SER C 28 -39.16 -16.25 15.04
N ASN C 29 -39.76 -15.65 16.07
CA ASN C 29 -39.60 -16.11 17.45
C ASN C 29 -38.13 -16.39 17.74
N ILE C 30 -37.36 -15.32 17.90
CA ILE C 30 -35.93 -15.41 18.19
C ILE C 30 -35.69 -14.97 19.64
N SER C 31 -34.64 -15.50 20.25
CA SER C 31 -34.31 -15.14 21.64
C SER C 31 -32.81 -14.93 21.82
N GLY C 32 -32.45 -13.96 22.66
CA GLY C 32 -31.04 -13.66 22.90
C GLY C 32 -30.78 -12.84 24.16
N LYS C 33 -29.51 -12.74 24.54
CA LYS C 33 -29.13 -12.01 25.74
C LYS C 33 -28.73 -10.58 25.46
N VAL C 34 -27.60 -10.44 24.79
CA VAL C 34 -27.00 -9.16 24.42
C VAL C 34 -25.65 -9.06 25.10
N GLU C 35 -24.62 -8.88 24.29
CA GLU C 35 -23.27 -8.78 24.80
C GLU C 35 -22.81 -7.40 24.40
N ASN C 36 -21.75 -6.91 25.03
CA ASN C 36 -21.25 -5.57 24.73
C ASN C 36 -20.16 -5.59 23.68
N TYR C 37 -20.44 -6.23 22.54
CA TYR C 37 -19.46 -6.32 21.46
C TYR C 37 -18.90 -4.96 21.04
N ASN C 38 -17.59 -4.84 21.14
CA ASN C 38 -16.87 -3.63 20.81
C ASN C 38 -17.46 -2.37 21.40
N GLY C 39 -18.33 -2.54 22.39
CA GLY C 39 -18.93 -1.39 23.02
C GLY C 39 -20.35 -1.07 22.60
N SER C 40 -20.95 -1.98 21.84
CA SER C 40 -22.32 -1.80 21.41
C SER C 40 -23.13 -3.04 21.79
N ASN C 41 -24.40 -2.84 22.09
CA ASN C 41 -25.28 -3.93 22.49
C ASN C 41 -25.68 -4.75 21.28
N VAL C 42 -25.44 -6.05 21.33
CA VAL C 42 -25.79 -6.88 20.19
C VAL C 42 -26.29 -8.25 20.58
N VAL C 43 -27.36 -8.71 19.94
CA VAL C 43 -27.89 -10.02 20.24
C VAL C 43 -27.37 -11.01 19.20
N ARG C 44 -27.02 -12.20 19.67
CA ARG C 44 -26.50 -13.25 18.80
C ARG C 44 -27.51 -14.38 18.75
N PHE C 45 -27.58 -15.06 17.61
CA PHE C 45 -28.51 -16.17 17.49
C PHE C 45 -28.31 -16.91 16.19
N ASN C 46 -28.41 -18.23 16.27
CA ASN C 46 -28.23 -19.11 15.14
C ASN C 46 -29.58 -19.49 14.58
N GLN C 47 -29.70 -19.62 13.25
CA GLN C 47 -30.99 -19.99 12.72
C GLN C 47 -30.99 -21.03 11.60
N GLU C 48 -30.51 -20.66 10.43
CA GLU C 48 -30.49 -21.64 9.36
C GLU C 48 -29.07 -22.10 9.06
N LYS C 49 -28.42 -22.64 10.09
CA LYS C 49 -27.06 -23.12 9.99
C LYS C 49 -26.12 -21.93 9.88
N GLN C 50 -26.66 -20.74 10.08
CA GLN C 50 -25.89 -19.51 10.00
C GLN C 50 -26.08 -18.67 11.28
N ASN C 51 -24.98 -18.33 11.94
CA ASN C 51 -25.08 -17.54 13.15
C ASN C 51 -25.13 -16.07 12.80
N HIS C 52 -25.94 -15.33 13.55
CA HIS C 52 -26.11 -13.91 13.34
C HIS C 52 -25.64 -13.11 14.54
N GLN C 53 -25.53 -11.81 14.34
CA GLN C 53 -25.09 -10.88 15.38
C GLN C 53 -25.80 -9.57 15.13
N LEU C 54 -27.00 -9.48 15.69
CA LEU C 54 -27.88 -8.34 15.57
C LEU C 54 -27.39 -7.18 16.42
N PHE C 55 -27.15 -6.05 15.79
CA PHE C 55 -26.67 -4.86 16.48
C PHE C 55 -27.84 -3.96 16.83
N LEU C 56 -28.02 -3.66 18.11
CA LEU C 56 -29.10 -2.78 18.54
C LEU C 56 -28.48 -1.40 18.70
N LEU C 57 -28.71 -0.52 17.72
CA LEU C 57 -28.11 0.80 17.76
C LEU C 57 -29.07 2.00 17.75
N GLY C 58 -30.37 1.74 17.67
CA GLY C 58 -31.31 2.85 17.65
C GLY C 58 -32.33 2.72 18.77
N GLU C 59 -33.56 3.12 18.47
CA GLU C 59 -34.64 3.06 19.43
C GLU C 59 -34.64 1.66 20.04
N ASP C 60 -34.45 0.67 19.19
CA ASP C 60 -34.44 -0.69 19.65
C ASP C 60 -33.42 -0.92 20.77
N LYS C 61 -32.38 -0.09 20.84
CA LYS C 61 -31.36 -0.29 21.88
C LYS C 61 -31.92 -0.25 23.28
N ALA C 62 -32.86 0.65 23.51
CA ALA C 62 -33.48 0.77 24.82
C ALA C 62 -34.74 -0.07 24.85
N LYS C 63 -35.50 -0.04 23.74
CA LYS C 63 -36.73 -0.81 23.64
C LYS C 63 -36.44 -2.27 23.95
N TYR C 64 -35.26 -2.73 23.56
CA TYR C 64 -34.87 -4.10 23.78
C TYR C 64 -33.64 -4.27 24.67
N LYS C 65 -33.55 -3.39 25.66
CA LYS C 65 -32.47 -3.36 26.65
C LYS C 65 -32.35 -4.69 27.40
N GLN C 66 -33.26 -5.63 27.12
CA GLN C 66 -33.24 -6.90 27.80
C GLN C 66 -33.12 -8.04 26.79
N GLY C 67 -32.41 -7.76 25.71
CA GLY C 67 -32.20 -8.77 24.69
C GLY C 67 -33.44 -9.14 23.92
N LEU C 68 -33.43 -10.32 23.33
CA LEU C 68 -34.56 -10.79 22.55
C LEU C 68 -35.22 -12.01 23.18
N GLN C 69 -36.56 -11.96 23.24
CA GLN C 69 -37.33 -13.05 23.84
C GLN C 69 -38.64 -13.29 23.07
N GLY C 70 -38.53 -13.77 21.83
CA GLY C 70 -39.72 -14.07 21.04
C GLY C 70 -40.02 -13.25 19.78
N GLN C 71 -39.35 -12.12 19.64
CA GLN C 71 -39.54 -11.22 18.49
C GLN C 71 -39.17 -11.84 17.13
N ASP C 72 -39.49 -11.11 16.06
CA ASP C 72 -39.14 -11.54 14.71
C ASP C 72 -37.97 -10.65 14.32
N VAL C 73 -37.12 -11.10 13.39
CA VAL C 73 -35.99 -10.29 12.98
C VAL C 73 -35.74 -10.26 11.47
N PHE C 74 -35.52 -9.06 10.93
CA PHE C 74 -35.24 -8.91 9.50
C PHE C 74 -33.74 -8.77 9.33
N VAL C 75 -33.07 -9.84 8.90
CA VAL C 75 -31.63 -9.76 8.73
C VAL C 75 -31.29 -9.39 7.29
N VAL C 76 -30.20 -8.64 7.14
CA VAL C 76 -29.71 -8.20 5.86
C VAL C 76 -28.22 -8.19 6.10
N LYS C 77 -27.50 -8.97 5.31
CA LYS C 77 -26.04 -9.11 5.45
C LYS C 77 -25.23 -7.83 5.29
N GLU C 78 -24.73 -7.26 6.37
CA GLU C 78 -23.88 -6.08 6.25
C GLU C 78 -22.55 -6.72 5.85
N LEU C 79 -22.28 -7.86 6.48
CA LEU C 79 -21.07 -8.63 6.20
C LEU C 79 -20.99 -9.80 7.16
N ILE C 80 -20.05 -10.71 6.89
CA ILE C 80 -19.86 -11.86 7.74
C ILE C 80 -18.52 -11.86 8.48
N ASP C 81 -18.60 -11.64 9.79
CA ASP C 81 -17.46 -11.64 10.70
C ASP C 81 -16.45 -12.69 10.27
N PRO C 82 -15.13 -12.43 10.43
CA PRO C 82 -14.17 -13.45 10.03
C PRO C 82 -14.29 -14.69 10.90
N ASN C 83 -15.31 -14.71 11.76
CA ASN C 83 -15.59 -15.84 12.64
C ASN C 83 -16.81 -16.59 12.15
N GLY C 84 -17.39 -16.10 11.05
CA GLY C 84 -18.55 -16.77 10.48
C GLY C 84 -19.89 -16.30 11.01
N ARG C 85 -19.95 -15.07 11.49
CA ARG C 85 -21.19 -14.51 12.04
C ARG C 85 -21.72 -13.33 11.24
N LEU C 86 -22.85 -13.55 10.58
CA LEU C 86 -23.48 -12.51 9.78
C LEU C 86 -24.04 -11.40 10.66
N SER C 87 -23.49 -10.20 10.49
CA SER C 87 -23.95 -9.06 11.28
C SER C 87 -25.09 -8.38 10.54
N THR C 88 -26.18 -8.10 11.24
CA THR C 88 -27.33 -7.41 10.65
C THR C 88 -27.65 -6.24 11.60
N VAL C 89 -28.37 -5.23 11.14
CA VAL C 89 -28.69 -4.09 12.03
C VAL C 89 -30.17 -3.80 12.22
N GLY C 90 -30.63 -3.96 13.45
CA GLY C 90 -32.03 -3.73 13.79
C GLY C 90 -32.97 -4.68 13.08
N GLY C 91 -34.19 -4.21 12.82
CA GLY C 91 -35.18 -5.00 12.11
C GLY C 91 -36.04 -5.90 12.97
N VAL C 92 -36.17 -5.52 14.24
CA VAL C 92 -36.94 -6.30 15.20
C VAL C 92 -38.36 -5.83 15.43
N THR C 93 -39.31 -6.72 15.17
CA THR C 93 -40.73 -6.43 15.33
C THR C 93 -41.42 -7.42 16.28
N LYS C 94 -42.26 -6.88 17.17
CA LYS C 94 -43.00 -7.63 18.19
C LYS C 94 -43.52 -8.96 17.71
N LYS C 95 -43.86 -9.84 18.66
CA LYS C 95 -44.37 -11.18 18.33
C LYS C 95 -45.87 -11.21 18.10
N ASN C 96 -46.34 -12.28 17.47
CA ASN C 96 -47.76 -12.37 17.19
C ASN C 96 -48.06 -11.09 16.41
N ASN C 97 -47.37 -10.93 15.29
CA ASN C 97 -47.49 -9.74 14.44
C ASN C 97 -48.03 -10.03 13.04
N GLN C 98 -48.29 -11.28 12.72
CA GLN C 98 -48.80 -11.58 11.39
C GLN C 98 -50.34 -11.58 11.37
N SER C 99 -50.93 -10.52 11.92
CA SER C 99 -52.38 -10.37 11.96
C SER C 99 -52.93 -9.70 10.71
N SER C 100 -52.12 -9.63 9.65
CA SER C 100 -52.57 -8.98 8.42
C SER C 100 -51.51 -8.92 7.33
N GLU C 101 -51.97 -8.61 6.11
CA GLU C 101 -51.07 -8.49 4.97
C GLU C 101 -50.86 -7.01 4.63
N THR C 102 -51.72 -6.47 3.79
CA THR C 102 -51.66 -5.06 3.37
C THR C 102 -50.88 -4.80 2.07
N ASN C 103 -51.56 -4.16 1.12
CA ASN C 103 -50.96 -3.78 -0.16
C ASN C 103 -51.14 -2.27 -0.21
N ILE C 104 -50.05 -1.51 -0.27
CA ILE C 104 -50.19 -0.06 -0.30
C ILE C 104 -49.80 0.54 -1.62
N HIS C 105 -50.39 1.68 -1.96
CA HIS C 105 -50.07 2.28 -3.24
C HIS C 105 -48.63 2.78 -3.29
N LEU C 106 -47.95 2.41 -4.37
CA LEU C 106 -46.57 2.77 -4.60
C LEU C 106 -46.46 3.50 -5.93
N LEU C 107 -46.19 4.79 -5.90
CA LEU C 107 -46.05 5.53 -7.15
C LEU C 107 -44.56 5.75 -7.38
N VAL C 108 -44.08 5.39 -8.56
CA VAL C 108 -42.66 5.60 -8.86
C VAL C 108 -42.51 6.62 -9.97
N ASN C 109 -41.61 7.57 -9.79
CA ASN C 109 -41.42 8.60 -10.80
C ASN C 109 -39.99 8.75 -11.28
N LYS C 110 -39.68 8.22 -12.46
CA LYS C 110 -38.34 8.33 -12.98
C LYS C 110 -38.21 9.67 -13.74
N LEU C 111 -37.42 10.59 -13.19
CA LEU C 111 -37.23 11.90 -13.83
C LEU C 111 -35.89 12.01 -14.55
N ASP C 112 -35.95 12.31 -15.86
CA ASP C 112 -34.77 12.39 -16.71
C ASP C 112 -34.48 13.74 -17.39
N GLY C 113 -34.74 13.82 -18.69
CA GLY C 113 -34.49 15.05 -19.42
C GLY C 113 -35.38 16.19 -18.96
N GLY C 114 -35.98 16.04 -17.79
CA GLY C 114 -36.87 17.05 -17.26
C GLY C 114 -38.29 16.57 -17.44
N ASN C 115 -38.42 15.39 -18.02
CA ASN C 115 -39.72 14.78 -18.28
C ASN C 115 -40.12 13.91 -17.11
N LEU C 116 -41.29 13.29 -17.21
CA LEU C 116 -41.76 12.43 -16.15
C LEU C 116 -41.64 11.00 -16.62
N ASP C 117 -42.43 10.11 -16.04
CA ASP C 117 -42.46 8.69 -16.39
C ASP C 117 -43.04 8.00 -15.18
N ALA C 118 -44.13 8.57 -14.66
CA ALA C 118 -44.79 8.00 -13.50
C ALA C 118 -45.13 6.57 -13.83
N THR C 119 -45.27 5.71 -12.83
CA THR C 119 -45.60 4.31 -13.06
C THR C 119 -46.31 3.67 -11.88
N ASN C 120 -47.47 4.21 -11.50
CA ASN C 120 -48.22 3.65 -10.38
C ASN C 120 -48.08 2.15 -10.28
N ASP C 121 -47.51 1.70 -9.16
CA ASP C 121 -47.26 0.28 -8.92
C ASP C 121 -48.00 -0.17 -7.65
N SER C 122 -47.36 -1.02 -6.87
CA SER C 122 -47.94 -1.55 -5.64
C SER C 122 -46.87 -2.15 -4.72
N PHE C 123 -47.12 -2.10 -3.42
CA PHE C 123 -46.17 -2.64 -2.46
C PHE C 123 -46.85 -3.48 -1.39
N LEU C 124 -46.23 -4.60 -1.04
CA LEU C 124 -46.80 -5.49 -0.04
C LEU C 124 -46.07 -5.44 1.29
N ILE C 125 -46.84 -5.56 2.37
CA ILE C 125 -46.32 -5.55 3.73
C ILE C 125 -46.62 -6.90 4.41
N ASN C 126 -45.56 -7.64 4.73
CA ASN C 126 -45.69 -8.97 5.34
C ASN C 126 -46.33 -9.07 6.72
N LYS C 127 -46.18 -8.03 7.52
CA LYS C 127 -46.73 -8.06 8.87
C LYS C 127 -47.52 -6.80 9.21
N GLU C 128 -47.99 -6.71 10.46
CA GLU C 128 -48.76 -5.55 10.89
C GLU C 128 -47.84 -4.41 11.27
N GLU C 129 -46.82 -4.71 12.06
CA GLU C 129 -45.84 -3.72 12.51
C GLU C 129 -44.59 -3.85 11.65
N VAL C 130 -44.14 -2.76 11.04
CA VAL C 130 -42.97 -2.84 10.18
C VAL C 130 -41.68 -2.18 10.65
N SER C 131 -40.59 -2.65 10.08
CA SER C 131 -39.25 -2.14 10.36
C SER C 131 -38.88 -1.24 9.20
N LEU C 132 -38.54 0.01 9.51
CA LEU C 132 -38.17 0.94 8.44
C LEU C 132 -37.09 0.25 7.62
N LYS C 133 -36.36 -0.66 8.26
CA LYS C 133 -35.29 -1.41 7.61
C LYS C 133 -35.91 -2.21 6.48
N GLU C 134 -36.81 -3.14 6.85
CA GLU C 134 -37.50 -3.99 5.89
C GLU C 134 -38.15 -3.13 4.84
N LEU C 135 -39.00 -2.23 5.31
CA LEU C 135 -39.73 -1.31 4.44
C LEU C 135 -38.82 -0.64 3.44
N ASP C 136 -37.67 -0.17 3.90
CA ASP C 136 -36.73 0.47 3.01
C ASP C 136 -36.01 -0.55 2.16
N PHE C 137 -35.44 -1.58 2.79
CA PHE C 137 -34.71 -2.58 2.01
C PHE C 137 -35.50 -3.13 0.87
N LYS C 138 -36.69 -3.63 1.15
CA LYS C 138 -37.49 -4.18 0.07
C LYS C 138 -37.74 -3.15 -1.04
N ILE C 139 -38.41 -2.04 -0.71
CA ILE C 139 -38.70 -1.02 -1.71
C ILE C 139 -37.55 -0.71 -2.68
N ARG C 140 -36.32 -0.68 -2.19
CA ARG C 140 -35.20 -0.40 -3.07
C ARG C 140 -34.96 -1.62 -3.94
N LYS C 141 -35.04 -2.80 -3.33
CA LYS C 141 -34.82 -4.05 -4.05
C LYS C 141 -35.82 -4.07 -5.20
N GLN C 142 -37.03 -3.66 -4.90
CA GLN C 142 -38.08 -3.62 -5.89
C GLN C 142 -37.86 -2.47 -6.87
N LEU C 143 -37.11 -1.45 -6.44
CA LEU C 143 -36.84 -0.30 -7.30
C LEU C 143 -35.70 -0.61 -8.28
N VAL C 144 -34.89 -1.60 -7.93
CA VAL C 144 -33.80 -1.95 -8.79
C VAL C 144 -34.28 -2.96 -9.80
N GLU C 145 -34.77 -4.07 -9.27
CA GLU C 145 -35.28 -5.15 -10.09
C GLU C 145 -36.30 -4.72 -11.14
N LYS C 146 -36.97 -3.58 -10.93
CA LYS C 146 -37.96 -3.14 -11.89
C LYS C 146 -37.80 -1.69 -12.37
N TYR C 147 -36.82 -0.95 -11.83
CA TYR C 147 -36.65 0.44 -12.25
C TYR C 147 -35.17 0.77 -12.42
N GLY C 148 -34.38 -0.31 -12.52
CA GLY C 148 -32.95 -0.16 -12.70
C GLY C 148 -32.33 0.88 -11.79
N LEU C 149 -32.38 0.63 -10.48
CA LEU C 149 -31.79 1.55 -9.51
C LEU C 149 -30.38 1.09 -9.16
N TYR C 150 -29.53 2.03 -8.78
CA TYR C 150 -28.15 1.72 -8.47
C TYR C 150 -27.57 0.88 -9.59
N GLN C 151 -28.07 1.12 -10.80
CA GLN C 151 -27.59 0.41 -11.98
C GLN C 151 -27.45 1.39 -13.15
N GLY C 152 -26.31 1.36 -13.81
CA GLY C 152 -26.07 2.27 -14.92
C GLY C 152 -25.80 3.68 -14.40
N THR C 153 -26.84 4.34 -13.92
CA THR C 153 -26.70 5.68 -13.37
C THR C 153 -27.84 6.09 -12.46
N SER C 154 -28.84 5.22 -12.32
CA SER C 154 -29.96 5.55 -11.45
C SER C 154 -29.48 5.33 -10.04
N LYS C 155 -29.23 6.42 -9.32
CA LYS C 155 -28.75 6.33 -7.95
C LYS C 155 -29.54 7.25 -7.05
N TYR C 156 -29.43 8.55 -7.27
CA TYR C 156 -30.14 9.48 -6.42
C TYR C 156 -31.65 9.37 -6.57
N GLY C 157 -32.34 9.63 -5.46
CA GLY C 157 -33.79 9.54 -5.43
C GLY C 157 -34.31 9.98 -4.07
N LYS C 158 -35.37 9.35 -3.60
CA LYS C 158 -35.94 9.72 -2.32
C LYS C 158 -37.25 9.01 -2.04
N ILE C 159 -37.19 7.87 -1.37
CA ILE C 159 -38.42 7.15 -1.04
C ILE C 159 -39.18 8.01 -0.06
N THR C 160 -40.47 8.14 -0.29
CA THR C 160 -41.31 8.93 0.59
C THR C 160 -42.43 8.04 1.02
N ILE C 161 -42.67 7.98 2.32
CA ILE C 161 -43.75 7.18 2.89
C ILE C 161 -44.78 8.16 3.42
N ILE C 162 -46.03 7.98 3.02
CA ILE C 162 -47.09 8.89 3.46
C ILE C 162 -48.11 8.26 4.40
N LEU C 163 -48.09 8.72 5.65
CA LEU C 163 -48.99 8.22 6.68
C LEU C 163 -50.33 8.92 6.63
N ASN C 164 -51.36 8.23 7.12
CA ASN C 164 -52.69 8.81 7.16
C ASN C 164 -52.57 10.10 7.93
N GLY C 165 -53.53 10.98 7.77
CA GLY C 165 -53.45 12.26 8.44
C GLY C 165 -52.69 13.19 7.51
N GLY C 166 -51.37 13.06 7.48
CA GLY C 166 -50.60 13.92 6.60
C GLY C 166 -49.09 13.78 6.66
N LYS C 167 -48.55 13.66 7.87
CA LYS C 167 -47.10 13.54 8.07
C LYS C 167 -46.49 12.47 7.18
N LYS C 168 -45.23 12.66 6.77
CA LYS C 168 -44.57 11.67 5.92
C LYS C 168 -43.07 11.53 6.16
N GLN C 169 -42.58 10.29 6.12
CA GLN C 169 -41.16 10.02 6.32
C GLN C 169 -40.38 9.90 5.00
N GLU C 170 -39.09 10.25 5.03
CA GLU C 170 -38.29 10.20 3.82
C GLU C 170 -36.98 9.43 3.93
N ILE C 171 -36.69 8.63 2.92
CA ILE C 171 -35.45 7.86 2.87
C ILE C 171 -34.72 8.40 1.65
N ASP C 172 -33.52 8.92 1.83
CA ASP C 172 -32.78 9.41 0.68
C ASP C 172 -32.11 8.19 0.05
N LEU C 173 -32.15 8.10 -1.27
CA LEU C 173 -31.56 6.95 -1.94
C LEU C 173 -30.06 7.08 -2.07
N GLY C 174 -29.56 8.31 -1.91
CA GLY C 174 -28.13 8.58 -2.01
C GLY C 174 -27.21 7.57 -1.35
N ASP C 175 -27.55 7.15 -0.15
CA ASP C 175 -26.75 6.18 0.59
C ASP C 175 -27.63 5.31 1.48
N LYS C 176 -27.16 4.10 1.77
CA LYS C 176 -27.89 3.14 2.60
C LYS C 176 -28.57 3.83 3.80
N LEU C 177 -29.71 3.30 4.22
CA LEU C 177 -30.39 3.89 5.35
C LEU C 177 -29.40 3.87 6.50
N GLN C 178 -29.47 4.88 7.39
CA GLN C 178 -28.57 4.96 8.52
C GLN C 178 -28.93 3.87 9.52
N PHE C 179 -27.92 3.18 10.05
CA PHE C 179 -28.18 2.12 11.02
C PHE C 179 -28.95 2.74 12.20
N GLU C 180 -28.57 3.95 12.57
CA GLU C 180 -29.22 4.66 13.64
C GLU C 180 -30.71 4.43 13.64
N ARG C 181 -31.31 4.38 12.45
CA ARG C 181 -32.75 4.20 12.34
C ARG C 181 -33.28 2.88 11.83
N MET C 182 -32.49 1.82 11.89
CA MET C 182 -33.00 0.53 11.43
C MET C 182 -33.94 -0.05 12.48
N GLY C 183 -33.90 0.51 13.69
CA GLY C 183 -34.74 0.01 14.78
C GLY C 183 -36.18 0.47 14.66
N ASP C 184 -36.34 1.61 14.02
CA ASP C 184 -37.64 2.23 13.79
C ASP C 184 -38.74 1.27 13.35
N VAL C 185 -39.94 1.49 13.86
CA VAL C 185 -41.09 0.67 13.50
C VAL C 185 -42.33 1.48 13.13
N LEU C 186 -42.95 1.09 12.02
CA LEU C 186 -44.17 1.71 11.53
C LEU C 186 -45.15 0.55 11.60
N ASN C 187 -46.44 0.83 11.46
CA ASN C 187 -47.39 -0.28 11.41
C ASN C 187 -48.32 -0.08 10.21
N SER C 188 -48.35 -1.12 9.37
CA SER C 188 -49.13 -1.14 8.15
C SER C 188 -50.25 -0.13 8.09
N LYS C 189 -51.24 -0.31 8.97
CA LYS C 189 -52.41 0.55 8.97
C LYS C 189 -52.23 2.04 8.92
N ASP C 190 -51.07 2.58 9.28
CA ASP C 190 -50.96 4.03 9.20
C ASP C 190 -50.29 4.49 7.93
N ILE C 191 -50.21 3.63 6.94
CA ILE C 191 -49.58 4.00 5.68
C ILE C 191 -50.58 4.16 4.54
N ASN C 192 -50.73 5.39 4.05
CA ASN C 192 -51.65 5.63 2.96
C ASN C 192 -51.00 5.18 1.65
N LYS C 193 -49.93 5.87 1.27
CA LYS C 193 -49.23 5.56 0.03
C LYS C 193 -47.74 5.85 0.08
N ILE C 194 -47.00 5.25 -0.87
CA ILE C 194 -45.57 5.44 -0.96
C ILE C 194 -45.26 6.02 -2.33
N GLU C 195 -44.39 7.02 -2.37
CA GLU C 195 -44.00 7.63 -3.63
C GLU C 195 -42.48 7.59 -3.73
N VAL C 196 -41.97 7.43 -4.95
CA VAL C 196 -40.54 7.39 -5.17
C VAL C 196 -40.26 8.43 -6.23
N THR C 197 -38.98 8.76 -6.41
CA THR C 197 -38.58 9.73 -7.42
C THR C 197 -37.15 9.41 -7.82
N LEU C 198 -37.01 8.54 -8.80
CA LEU C 198 -35.69 8.14 -9.26
C LEU C 198 -35.00 9.25 -10.04
N LYS C 199 -34.77 10.37 -9.36
CA LYS C 199 -34.11 11.52 -9.97
C LYS C 199 -32.75 11.06 -10.50
N GLN C 200 -32.72 10.55 -11.72
CA GLN C 200 -31.50 10.05 -12.32
C GLN C 200 -30.60 11.15 -12.90
N ILE C 201 -30.04 11.95 -12.00
CA ILE C 201 -29.14 13.03 -12.37
C ILE C 201 -27.71 12.50 -12.37
N LEU D 10 1.33 -0.87 -24.44
CA LEU D 10 -0.11 -0.51 -24.50
C LEU D 10 -0.40 0.69 -23.57
N TYR D 11 0.03 0.53 -22.31
CA TYR D 11 -0.16 1.50 -21.23
C TYR D 11 0.94 2.56 -21.05
N ASP D 12 2.20 2.13 -21.12
CA ASP D 12 3.35 3.02 -20.94
C ASP D 12 3.42 4.03 -22.06
N ILE D 13 2.29 4.20 -22.74
CA ILE D 13 2.15 5.13 -23.85
C ILE D 13 2.56 6.54 -23.43
N LYS D 14 2.02 6.97 -22.30
CA LYS D 14 2.29 8.29 -21.76
C LYS D 14 3.77 8.42 -21.39
N ASP D 15 4.31 7.37 -20.78
CA ASP D 15 5.71 7.38 -20.40
C ASP D 15 6.55 7.59 -21.66
N LEU D 16 6.50 6.63 -22.59
CA LEU D 16 7.29 6.73 -23.83
C LEU D 16 7.25 8.12 -24.43
N HIS D 17 6.07 8.73 -24.40
CA HIS D 17 5.94 10.07 -24.95
C HIS D 17 6.83 11.00 -24.15
N ARG D 18 6.44 11.29 -22.91
CA ARG D 18 7.19 12.18 -22.02
C ARG D 18 8.68 12.19 -22.34
N TYR D 19 9.25 11.00 -22.30
CA TYR D 19 10.66 10.79 -22.55
C TYR D 19 11.10 11.23 -23.94
N TYR D 20 10.69 10.48 -24.95
CA TYR D 20 11.09 10.78 -26.31
C TYR D 20 10.67 12.15 -26.86
N SER D 21 10.36 13.08 -25.98
CA SER D 21 9.97 14.41 -26.40
C SER D 21 10.52 15.42 -25.42
N SER D 22 11.24 14.93 -24.40
CA SER D 22 11.82 15.83 -23.41
C SER D 22 13.01 16.55 -24.04
N GLU D 23 13.52 17.57 -23.35
CA GLU D 23 14.64 18.35 -23.86
C GLU D 23 15.96 17.56 -23.85
N SER D 24 16.66 17.53 -24.99
CA SER D 24 17.93 16.82 -25.09
C SER D 24 19.04 17.82 -24.85
N PHE D 25 20.29 17.39 -25.01
CA PHE D 25 21.45 18.25 -24.83
C PHE D 25 22.66 17.75 -25.59
N GLU D 26 23.33 18.66 -26.28
CA GLU D 26 24.54 18.34 -27.03
C GLU D 26 25.70 19.16 -26.47
N PHE D 27 26.61 18.49 -25.77
CA PHE D 27 27.74 19.16 -25.17
C PHE D 27 29.03 18.83 -25.89
N SER D 28 30.10 19.53 -25.54
CA SER D 28 31.40 19.31 -26.17
C SER D 28 32.62 19.53 -25.27
N ASN D 29 33.76 18.98 -25.69
CA ASN D 29 35.00 19.10 -24.94
C ASN D 29 34.75 18.75 -23.48
N ILE D 30 34.11 17.61 -23.25
CA ILE D 30 33.82 17.16 -21.90
C ILE D 30 34.94 16.26 -21.40
N SER D 31 35.47 16.57 -20.23
CA SER D 31 36.55 15.78 -19.66
C SER D 31 36.11 15.28 -18.29
N GLY D 32 36.35 14.00 -18.02
CA GLY D 32 35.94 13.49 -16.73
C GLY D 32 36.46 12.12 -16.40
N LYS D 33 37.08 12.00 -15.23
CA LYS D 33 37.64 10.74 -14.75
C LYS D 33 36.50 9.80 -14.40
N VAL D 34 36.45 8.64 -15.05
CA VAL D 34 35.40 7.68 -14.76
C VAL D 34 35.47 7.26 -13.31
N GLU D 35 34.30 7.20 -12.66
CA GLU D 35 34.21 6.81 -11.26
C GLU D 35 33.35 5.56 -11.14
N ASN D 36 33.27 5.00 -9.95
CA ASN D 36 32.46 3.81 -9.78
C ASN D 36 31.24 4.23 -9.04
N TYR D 37 30.10 3.65 -9.44
CA TYR D 37 28.82 3.96 -8.81
C TYR D 37 27.95 2.74 -8.79
N ASN D 38 27.53 2.31 -7.60
CA ASN D 38 26.71 1.12 -7.49
C ASN D 38 27.13 0.05 -8.49
N GLY D 39 28.44 -0.18 -8.58
CA GLY D 39 28.96 -1.19 -9.47
C GLY D 39 28.95 -0.84 -10.96
N SER D 40 28.71 0.41 -11.29
CA SER D 40 28.69 0.85 -12.69
C SER D 40 29.85 1.79 -13.00
N ASN D 41 30.03 2.09 -14.29
CA ASN D 41 31.09 2.98 -14.76
C ASN D 41 30.56 4.35 -15.18
N VAL D 42 30.58 5.32 -14.27
CA VAL D 42 30.07 6.64 -14.63
C VAL D 42 31.12 7.75 -14.72
N VAL D 43 30.72 8.86 -15.33
CA VAL D 43 31.57 10.04 -15.47
C VAL D 43 30.67 11.22 -15.14
N ARG D 44 30.96 11.92 -14.04
CA ARG D 44 30.14 13.06 -13.62
C ARG D 44 30.72 14.31 -14.26
N PHE D 45 29.87 15.31 -14.49
CA PHE D 45 30.38 16.55 -15.06
C PHE D 45 29.38 17.67 -15.10
N ASN D 46 29.90 18.88 -14.93
CA ASN D 46 29.07 20.07 -14.89
C ASN D 46 28.93 20.75 -16.25
N GLN D 47 27.71 21.17 -16.57
CA GLN D 47 27.45 21.84 -17.83
C GLN D 47 26.14 22.62 -17.75
N GLU D 48 26.23 23.93 -17.88
CA GLU D 48 25.05 24.76 -17.85
C GLU D 48 24.18 24.59 -16.60
N LYS D 49 24.70 25.05 -15.47
CA LYS D 49 23.99 25.02 -14.18
C LYS D 49 23.56 23.64 -13.69
N GLN D 50 23.77 22.63 -14.54
CA GLN D 50 23.38 21.27 -14.24
C GLN D 50 24.56 20.36 -13.99
N ASN D 51 24.33 19.31 -13.19
CA ASN D 51 25.35 18.32 -12.89
C ASN D 51 24.87 17.03 -13.52
N HIS D 52 25.71 16.45 -14.38
CA HIS D 52 25.35 15.21 -15.04
C HIS D 52 26.12 14.03 -14.48
N GLN D 53 25.61 12.84 -14.77
CA GLN D 53 26.21 11.58 -14.35
C GLN D 53 26.06 10.66 -15.55
N LEU D 54 27.06 10.66 -16.42
CA LEU D 54 27.07 9.85 -17.63
C LEU D 54 27.45 8.39 -17.42
N PHE D 55 26.47 7.49 -17.53
CA PHE D 55 26.73 6.08 -17.34
C PHE D 55 27.27 5.51 -18.63
N LEU D 56 28.24 4.61 -18.53
CA LEU D 56 28.85 3.96 -19.69
C LEU D 56 28.54 2.46 -19.62
N LEU D 57 27.77 1.96 -20.57
CA LEU D 57 27.41 0.55 -20.59
C LEU D 57 27.70 -0.14 -21.91
N GLY D 58 28.76 -0.94 -21.95
CA GLY D 58 29.09 -1.68 -23.15
C GLY D 58 30.17 -1.15 -24.08
N GLU D 59 29.83 -1.13 -25.37
CA GLU D 59 30.76 -0.68 -26.41
C GLU D 59 31.50 0.57 -25.98
N ASP D 60 30.87 1.38 -25.15
CA ASP D 60 31.49 2.61 -24.68
C ASP D 60 32.25 2.52 -23.34
N LYS D 61 32.03 1.44 -22.59
CA LYS D 61 32.69 1.27 -21.29
C LYS D 61 34.19 0.94 -21.37
N ALA D 62 34.60 0.28 -22.45
CA ALA D 62 35.99 -0.09 -22.63
C ALA D 62 36.68 0.96 -23.48
N LYS D 63 35.91 1.54 -24.38
CA LYS D 63 36.41 2.59 -25.27
C LYS D 63 36.90 3.73 -24.41
N TYR D 64 36.23 3.96 -23.28
CA TYR D 64 36.61 5.03 -22.38
C TYR D 64 37.02 4.52 -21.01
N LYS D 65 37.84 3.47 -21.02
CA LYS D 65 38.35 2.85 -19.81
C LYS D 65 38.99 3.92 -18.92
N GLN D 66 39.62 4.92 -19.55
CA GLN D 66 40.26 6.01 -18.81
C GLN D 66 39.46 7.31 -18.91
N GLY D 67 38.15 7.21 -18.64
CA GLY D 67 37.28 8.38 -18.67
C GLY D 67 37.09 9.05 -20.02
N LEU D 68 36.63 10.31 -19.98
CA LEU D 68 36.42 11.11 -21.18
C LEU D 68 37.48 12.19 -21.33
N GLN D 69 38.35 12.01 -22.32
CA GLN D 69 39.44 12.93 -22.62
C GLN D 69 38.89 14.29 -22.97
N GLY D 70 37.89 14.31 -23.85
CA GLY D 70 37.27 15.56 -24.27
C GLY D 70 36.33 15.41 -25.45
N GLN D 71 35.75 14.22 -25.57
CA GLN D 71 34.83 13.92 -26.66
C GLN D 71 33.60 14.82 -26.63
N ASP D 72 32.54 14.38 -27.32
CA ASP D 72 31.29 15.11 -27.37
C ASP D 72 30.23 14.19 -26.77
N VAL D 73 29.28 14.78 -26.06
CA VAL D 73 28.23 14.02 -25.41
C VAL D 73 26.82 14.53 -25.69
N PHE D 74 25.95 13.62 -26.11
CA PHE D 74 24.56 13.94 -26.38
C PHE D 74 23.82 13.41 -25.16
N VAL D 75 23.42 14.31 -24.26
CA VAL D 75 22.75 13.88 -23.05
C VAL D 75 21.24 13.92 -23.13
N VAL D 76 20.61 12.89 -22.56
CA VAL D 76 19.16 12.76 -22.51
C VAL D 76 18.89 12.44 -21.04
N LYS D 77 17.98 13.18 -20.44
CA LYS D 77 17.65 12.98 -19.05
C LYS D 77 16.76 11.77 -18.78
N GLU D 78 17.29 10.82 -18.01
CA GLU D 78 16.57 9.63 -17.58
C GLU D 78 15.75 10.03 -16.36
N LEU D 79 16.39 10.71 -15.43
CA LEU D 79 15.74 11.15 -14.21
C LEU D 79 16.74 11.99 -13.41
N ILE D 80 16.32 12.54 -12.28
CA ILE D 80 17.22 13.34 -11.46
C ILE D 80 17.21 12.90 -10.01
N ASP D 81 18.20 12.10 -9.64
CA ASP D 81 18.29 11.58 -8.27
C ASP D 81 18.27 12.69 -7.24
N PRO D 82 17.96 12.33 -5.99
CA PRO D 82 17.88 13.26 -4.86
C PRO D 82 19.09 14.16 -4.68
N ASN D 83 20.13 13.92 -5.47
CA ASN D 83 21.36 14.71 -5.39
C ASN D 83 21.55 15.70 -6.53
N GLY D 84 20.54 15.82 -7.40
CA GLY D 84 20.63 16.76 -8.51
C GLY D 84 21.36 16.27 -9.75
N ARG D 85 21.99 15.11 -9.67
CA ARG D 85 22.67 14.59 -10.84
C ARG D 85 21.67 14.11 -11.88
N LEU D 86 21.95 14.40 -13.13
CA LEU D 86 21.08 13.99 -14.22
C LEU D 86 21.69 12.72 -14.79
N SER D 87 21.06 11.60 -14.51
CA SER D 87 21.52 10.32 -15.01
C SER D 87 21.27 10.26 -16.52
N THR D 88 22.34 10.05 -17.28
CA THR D 88 22.23 9.96 -18.72
C THR D 88 22.99 8.69 -19.13
N VAL D 89 22.77 8.18 -20.33
CA VAL D 89 23.48 6.97 -20.75
C VAL D 89 24.01 6.98 -22.17
N GLY D 90 25.28 6.62 -22.32
CA GLY D 90 25.90 6.61 -23.63
C GLY D 90 25.68 7.91 -24.37
N GLY D 91 26.21 8.00 -25.59
CA GLY D 91 26.03 9.19 -26.38
C GLY D 91 27.27 10.04 -26.54
N VAL D 92 28.43 9.43 -26.52
CA VAL D 92 29.66 10.19 -26.66
C VAL D 92 30.18 9.98 -28.07
N THR D 93 30.93 10.93 -28.59
CA THR D 93 31.47 10.79 -29.94
C THR D 93 32.91 11.31 -30.10
N LYS D 94 33.73 10.53 -30.81
CA LYS D 94 35.16 10.81 -31.04
C LYS D 94 35.86 12.02 -30.41
N LYS D 95 35.51 13.24 -30.83
CA LYS D 95 36.11 14.51 -30.34
C LYS D 95 36.59 15.27 -31.56
N ASN D 96 37.33 14.56 -32.40
CA ASN D 96 37.83 15.10 -33.65
C ASN D 96 36.59 15.10 -34.54
N ASN D 97 35.50 15.52 -33.91
CA ASN D 97 34.14 15.58 -34.47
C ASN D 97 33.88 17.07 -34.76
N GLN D 98 33.80 17.41 -36.04
CA GLN D 98 33.55 18.81 -36.42
C GLN D 98 32.09 19.10 -36.74
N SER D 99 31.67 18.86 -37.97
CA SER D 99 30.29 19.10 -38.39
C SER D 99 29.98 18.62 -39.80
N SER D 100 28.81 18.01 -39.98
CA SER D 100 28.40 17.50 -41.28
C SER D 100 26.88 17.60 -41.36
N GLU D 101 26.39 18.83 -41.49
CA GLU D 101 24.95 19.04 -41.60
C GLU D 101 24.51 18.37 -42.88
N THR D 102 24.11 17.10 -42.77
CA THR D 102 23.65 16.32 -43.90
C THR D 102 22.21 15.88 -43.73
N ASN D 103 21.48 15.80 -44.83
CA ASN D 103 20.08 15.39 -44.77
C ASN D 103 19.89 13.99 -45.29
N ILE D 104 19.32 13.13 -44.45
CA ILE D 104 19.06 11.75 -44.81
C ILE D 104 17.59 11.67 -45.15
N HIS D 105 17.24 10.71 -46.01
CA HIS D 105 15.85 10.54 -46.40
C HIS D 105 15.11 9.74 -45.34
N LEU D 106 14.03 10.33 -44.86
CA LEU D 106 13.20 9.71 -43.83
C LEU D 106 11.82 9.36 -44.37
N LEU D 107 11.62 8.08 -44.66
CA LEU D 107 10.32 7.61 -45.14
C LEU D 107 9.51 7.13 -43.95
N VAL D 108 8.32 7.70 -43.76
CA VAL D 108 7.48 7.29 -42.65
C VAL D 108 6.22 6.64 -43.22
N ASN D 109 6.02 5.35 -42.94
CA ASN D 109 4.84 4.64 -43.42
C ASN D 109 3.80 4.34 -42.33
N LYS D 110 2.69 5.07 -42.34
CA LYS D 110 1.65 4.80 -41.35
C LYS D 110 0.84 3.62 -41.87
N LEU D 111 0.58 2.62 -41.02
CA LEU D 111 -0.17 1.45 -41.47
C LEU D 111 -1.59 1.32 -40.97
N ASP D 112 -2.09 2.34 -40.27
CA ASP D 112 -3.44 2.31 -39.73
C ASP D 112 -4.49 1.69 -40.68
N GLY D 113 -5.47 1.00 -40.10
CA GLY D 113 -6.49 0.37 -40.90
C GLY D 113 -5.80 -0.58 -41.85
N GLY D 114 -6.46 -0.94 -42.94
CA GLY D 114 -5.83 -1.82 -43.92
C GLY D 114 -5.04 -0.98 -44.89
N ASN D 115 -5.04 0.33 -44.62
CA ASN D 115 -4.37 1.32 -45.43
C ASN D 115 -2.89 1.51 -45.11
N LEU D 116 -2.25 2.41 -45.84
CA LEU D 116 -0.84 2.75 -45.69
C LEU D 116 -0.67 4.20 -46.16
N ASP D 117 -1.25 5.12 -45.40
CA ASP D 117 -1.16 6.54 -45.73
C ASP D 117 0.26 7.06 -45.46
N ALA D 118 1.21 6.68 -46.32
CA ALA D 118 2.62 7.05 -46.21
C ALA D 118 3.01 8.46 -46.67
N THR D 119 4.22 8.86 -46.28
CA THR D 119 4.77 10.17 -46.61
C THR D 119 6.31 10.23 -46.63
N ASN D 120 6.83 11.21 -47.38
CA ASN D 120 8.26 11.44 -47.58
C ASN D 120 8.80 12.63 -46.78
N ASP D 121 9.83 12.40 -45.97
CA ASP D 121 10.43 13.47 -45.20
C ASP D 121 11.95 13.35 -45.20
N SER D 122 12.59 14.23 -44.44
CA SER D 122 14.04 14.28 -44.35
C SER D 122 14.53 14.27 -42.90
N PHE D 123 15.83 14.09 -42.72
CA PHE D 123 16.42 14.06 -41.38
C PHE D 123 17.79 14.74 -41.33
N LEU D 124 17.91 15.73 -40.45
CA LEU D 124 19.14 16.49 -40.29
C LEU D 124 20.12 15.87 -39.29
N ILE D 125 21.41 16.13 -39.47
CA ILE D 125 22.42 15.61 -38.55
C ILE D 125 23.57 16.61 -38.31
N ASN D 126 23.66 17.07 -37.07
CA ASN D 126 24.66 18.05 -36.65
C ASN D 126 26.11 17.56 -36.65
N LYS D 127 26.34 16.39 -36.10
CA LYS D 127 27.70 15.86 -36.01
C LYS D 127 28.18 15.08 -37.23
N GLU D 128 29.48 14.80 -37.25
CA GLU D 128 30.13 14.01 -38.30
C GLU D 128 30.03 12.56 -37.90
N GLU D 129 30.20 12.32 -36.60
CA GLU D 129 30.07 10.99 -36.03
C GLU D 129 28.88 11.14 -35.10
N VAL D 130 27.82 10.40 -35.36
CA VAL D 130 26.61 10.48 -34.55
C VAL D 130 26.43 9.19 -33.74
N SER D 131 25.64 9.28 -32.68
CA SER D 131 25.38 8.15 -31.79
C SER D 131 23.98 7.60 -31.96
N LEU D 132 23.88 6.28 -32.00
CA LEU D 132 22.59 5.64 -32.18
C LEU D 132 21.68 6.29 -31.17
N LYS D 133 22.26 6.79 -30.09
CA LYS D 133 21.47 7.45 -29.09
C LYS D 133 20.86 8.70 -29.69
N GLU D 134 21.67 9.51 -30.35
CA GLU D 134 21.17 10.73 -30.95
C GLU D 134 20.21 10.47 -32.08
N LEU D 135 20.45 9.40 -32.84
CA LEU D 135 19.57 9.07 -33.94
C LEU D 135 18.20 8.68 -33.38
N ASP D 136 18.17 7.59 -32.62
CA ASP D 136 16.93 7.12 -32.01
C ASP D 136 16.15 8.28 -31.38
N PHE D 137 16.76 9.03 -30.46
CA PHE D 137 16.02 10.11 -29.85
C PHE D 137 15.47 11.01 -30.96
N LYS D 138 16.35 11.80 -31.57
CA LYS D 138 15.94 12.72 -32.64
C LYS D 138 14.84 12.17 -33.54
N ILE D 139 15.09 10.99 -34.10
CA ILE D 139 14.11 10.38 -34.98
C ILE D 139 12.73 10.30 -34.36
N ARG D 140 12.61 9.53 -33.28
CA ARG D 140 11.33 9.35 -32.61
C ARG D 140 10.69 10.70 -32.30
N LYS D 141 11.49 11.66 -31.88
CA LYS D 141 10.91 12.94 -31.58
C LYS D 141 10.16 13.38 -32.83
N GLN D 142 10.81 13.30 -33.99
CA GLN D 142 10.12 13.71 -35.22
C GLN D 142 8.88 12.84 -35.36
N LEU D 143 9.06 11.52 -35.30
CA LEU D 143 7.95 10.60 -35.41
C LEU D 143 6.83 10.94 -34.41
N VAL D 144 7.19 11.69 -33.37
CA VAL D 144 6.24 12.07 -32.34
C VAL D 144 5.54 13.37 -32.66
N GLU D 145 6.33 14.34 -33.10
CA GLU D 145 5.79 15.65 -33.43
C GLU D 145 5.05 15.68 -34.77
N LYS D 146 5.69 15.17 -35.82
CA LYS D 146 5.10 15.18 -37.15
C LYS D 146 4.30 13.95 -37.55
N TYR D 147 4.05 13.04 -36.60
CA TYR D 147 3.27 11.85 -36.94
C TYR D 147 2.52 11.35 -35.73
N GLY D 148 2.47 12.18 -34.71
CA GLY D 148 1.77 11.83 -33.49
C GLY D 148 2.09 10.46 -32.90
N LEU D 149 3.37 10.09 -32.90
CA LEU D 149 3.75 8.81 -32.34
C LEU D 149 3.42 8.89 -30.86
N TYR D 150 3.47 7.74 -30.20
CA TYR D 150 3.17 7.67 -28.78
C TYR D 150 2.08 8.66 -28.37
N GLN D 151 0.89 8.46 -28.93
CA GLN D 151 -0.26 9.30 -28.64
C GLN D 151 -1.47 8.54 -29.18
N GLY D 152 -2.60 8.63 -28.48
CA GLY D 152 -3.77 7.90 -28.92
C GLY D 152 -3.53 6.39 -28.88
N THR D 153 -3.04 5.83 -29.97
CA THR D 153 -2.76 4.39 -30.01
C THR D 153 -1.56 4.07 -30.88
N SER D 154 -0.83 5.10 -31.29
CA SER D 154 0.34 4.88 -32.12
C SER D 154 1.54 4.63 -31.22
N LYS D 155 1.78 3.36 -30.90
CA LYS D 155 2.91 3.02 -30.05
C LYS D 155 3.94 2.09 -30.70
N TYR D 156 3.45 1.03 -31.36
CA TYR D 156 4.34 0.06 -31.99
C TYR D 156 4.69 0.36 -33.41
N GLY D 157 5.90 -0.03 -33.80
CA GLY D 157 6.38 0.21 -35.14
C GLY D 157 7.84 -0.21 -35.19
N LYS D 158 8.59 0.30 -36.15
CA LYS D 158 9.99 -0.08 -36.26
C LYS D 158 10.79 0.83 -37.19
N ILE D 159 11.80 1.51 -36.64
CA ILE D 159 12.64 2.40 -37.44
C ILE D 159 13.75 1.55 -38.05
N THR D 160 13.95 1.68 -39.35
CA THR D 160 14.97 0.91 -40.04
C THR D 160 15.98 1.84 -40.68
N ILE D 161 17.25 1.70 -40.31
CA ILE D 161 18.31 2.53 -40.87
C ILE D 161 19.04 1.78 -41.96
N ILE D 162 19.56 2.52 -42.95
CA ILE D 162 20.28 1.93 -44.07
C ILE D 162 21.75 2.31 -44.17
N LEU D 163 22.61 1.33 -43.88
CA LEU D 163 24.05 1.50 -43.90
C LEU D 163 24.62 1.38 -45.31
N ASN D 164 24.31 2.33 -46.18
CA ASN D 164 24.81 2.30 -47.55
C ASN D 164 25.07 0.88 -48.05
N GLY D 165 24.02 0.24 -48.55
CA GLY D 165 24.11 -1.11 -49.08
C GLY D 165 25.17 -2.01 -48.47
N GLY D 166 25.39 -1.84 -47.17
CA GLY D 166 26.40 -2.63 -46.47
C GLY D 166 25.84 -3.34 -45.25
N LYS D 167 24.66 -2.94 -44.80
CA LYS D 167 23.99 -3.52 -43.63
C LYS D 167 22.61 -2.88 -43.41
N LYS D 168 21.99 -3.21 -42.28
CA LYS D 168 20.67 -2.70 -41.94
C LYS D 168 20.47 -2.69 -40.42
N GLN D 169 20.45 -1.50 -39.81
CA GLN D 169 20.26 -1.36 -38.36
C GLN D 169 18.84 -0.94 -37.99
N GLU D 170 18.10 -1.85 -37.37
CA GLU D 170 16.72 -1.58 -36.98
C GLU D 170 16.52 -1.35 -35.47
N ILE D 171 15.74 -0.31 -35.16
CA ILE D 171 15.43 0.08 -33.79
C ILE D 171 13.97 -0.11 -33.52
N ASP D 172 13.58 -1.15 -32.80
CA ASP D 172 12.16 -1.32 -32.54
C ASP D 172 11.60 -0.11 -31.79
N LEU D 173 10.36 0.27 -32.08
CA LEU D 173 9.75 1.42 -31.43
C LEU D 173 8.89 0.96 -30.28
N GLY D 174 8.84 -0.35 -30.07
CA GLY D 174 8.02 -0.90 -29.00
C GLY D 174 8.31 -0.25 -27.66
N ASP D 175 9.59 -0.12 -27.35
CA ASP D 175 10.05 0.48 -26.11
C ASP D 175 11.32 1.31 -26.30
N LYS D 176 11.84 1.86 -25.20
CA LYS D 176 13.03 2.70 -25.25
C LYS D 176 14.23 1.93 -25.78
N LEU D 177 15.19 2.65 -26.33
CA LEU D 177 16.38 2.00 -26.87
C LEU D 177 17.06 1.34 -25.68
N GLN D 178 17.71 0.20 -25.90
CA GLN D 178 18.37 -0.51 -24.81
C GLN D 178 19.61 0.27 -24.43
N PHE D 179 19.85 0.48 -23.14
CA PHE D 179 21.03 1.22 -22.72
C PHE D 179 22.25 0.64 -23.46
N GLU D 180 22.31 -0.69 -23.50
CA GLU D 180 23.40 -1.38 -24.16
C GLU D 180 23.74 -0.72 -25.47
N ARG D 181 22.70 -0.34 -26.20
CA ARG D 181 22.89 0.25 -27.52
C ARG D 181 23.35 1.70 -27.59
N MET D 182 22.99 2.52 -26.60
CA MET D 182 23.37 3.93 -26.67
C MET D 182 24.86 4.24 -26.65
N GLY D 183 25.67 3.24 -26.96
CA GLY D 183 27.11 3.42 -26.99
C GLY D 183 27.66 3.21 -28.39
N ASP D 184 26.83 2.70 -29.29
CA ASP D 184 27.23 2.44 -30.66
C ASP D 184 27.25 3.75 -31.44
N VAL D 185 28.14 3.83 -32.42
CA VAL D 185 28.24 5.03 -33.23
C VAL D 185 28.18 4.69 -34.72
N LEU D 186 27.81 5.69 -35.51
CA LEU D 186 27.69 5.57 -36.95
C LEU D 186 28.41 6.76 -37.57
N ASN D 187 28.65 6.70 -38.87
CA ASN D 187 29.29 7.80 -39.58
C ASN D 187 28.20 8.49 -40.38
N SER D 188 27.86 9.70 -39.96
CA SER D 188 26.83 10.49 -40.62
C SER D 188 26.76 10.24 -42.12
N LYS D 189 27.92 10.07 -42.75
CA LYS D 189 27.96 9.84 -44.18
C LYS D 189 27.46 8.46 -44.62
N ASP D 190 27.88 7.41 -43.91
CA ASP D 190 27.50 6.03 -44.26
C ASP D 190 25.99 5.76 -44.28
N ILE D 191 25.18 6.77 -44.02
CA ILE D 191 23.74 6.58 -44.01
C ILE D 191 23.18 6.80 -45.40
N ASN D 192 22.22 5.98 -45.80
CA ASN D 192 21.60 6.15 -47.12
C ASN D 192 20.22 6.75 -46.90
N LYS D 193 19.32 5.92 -46.37
CA LYS D 193 17.97 6.37 -46.15
C LYS D 193 17.43 5.75 -44.87
N ILE D 194 16.42 6.39 -44.29
CA ILE D 194 15.79 5.91 -43.07
C ILE D 194 14.32 5.66 -43.39
N GLU D 195 13.81 4.51 -42.94
CA GLU D 195 12.41 4.19 -43.17
C GLU D 195 11.73 3.83 -41.85
N VAL D 196 10.69 4.58 -41.50
CA VAL D 196 9.94 4.33 -40.29
C VAL D 196 8.67 3.59 -40.69
N THR D 197 8.13 2.78 -39.79
CA THR D 197 6.93 2.03 -40.10
C THR D 197 6.01 2.02 -38.89
N LEU D 198 5.19 3.06 -38.77
CA LEU D 198 4.24 3.15 -37.65
C LEU D 198 3.22 2.03 -37.75
N LYS D 199 2.81 1.51 -36.60
CA LYS D 199 1.87 0.40 -36.58
C LYS D 199 0.69 0.70 -35.67
N GLN D 200 -0.14 1.66 -36.07
CA GLN D 200 -1.30 2.06 -35.28
C GLN D 200 -2.36 0.95 -35.23
N ILE D 201 -2.44 0.23 -34.11
CA ILE D 201 -3.42 -0.84 -33.96
C ILE D 201 -4.66 -0.31 -33.25
C1 NAG E . 28.75 4.54 9.11
C2 NAG E . 29.00 5.96 9.64
C3 NAG E . 27.82 6.41 10.51
C4 NAG E . 26.49 6.24 9.79
C5 NAG E . 26.37 4.81 9.21
C6 NAG E . 25.14 4.66 8.33
C7 NAG E . 31.40 6.06 9.80
C8 NAG E . 32.59 5.56 10.58
N2 NAG E . 30.23 6.01 10.41
O3 NAG E . 27.98 7.78 10.86
O4 NAG E . 25.41 6.47 10.74
O5 NAG E . 27.51 4.50 8.38
O6 NAG E . 25.07 5.68 7.35
O7 NAG E . 31.54 6.46 8.65
C1 NAG E . 24.51 7.49 10.44
C2 NAG E . 23.18 7.22 11.12
C3 NAG E . 22.21 8.36 10.79
C4 NAG E . 22.81 9.67 11.28
C5 NAG E . 24.20 9.87 10.64
C6 NAG E . 24.91 11.11 11.15
C7 NAG E . 22.67 4.91 11.53
C8 NAG E . 23.80 3.90 11.36
N2 NAG E . 22.63 5.95 10.70
O3 NAG E . 20.96 8.14 11.44
O4 NAG E . 21.96 10.75 10.92
O5 NAG E . 25.06 8.73 10.91
O6 NAG E . 26.18 11.26 10.55
O7 NAG E . 21.86 4.77 12.44
C1 NAG F . -8.45 -15.47 28.56
C2 NAG F . -7.54 -16.36 27.71
C3 NAG F . -7.87 -17.83 27.98
C4 NAG F . -7.98 -18.18 29.47
C5 NAG F . -8.71 -17.08 30.29
C6 NAG F . -8.48 -17.24 31.79
C7 NAG F . -6.68 -15.85 25.52
C8 NAG F . -6.07 -17.06 24.84
N2 NAG F . -7.73 -16.05 26.31
O3 NAG F . -6.87 -18.65 27.38
O4 NAG F . -8.74 -19.40 29.59
O5 NAG F . -8.24 -15.77 29.94
O6 NAG F . -7.29 -16.58 32.19
O7 NAG F . -6.20 -14.73 25.32
C1 NAG F . -8.24 -20.41 30.41
C2 NAG F . -9.36 -20.86 31.39
C3 NAG F . -8.92 -22.10 32.18
C4 NAG F . -8.40 -23.19 31.24
C5 NAG F . -7.32 -22.63 30.31
C6 NAG F . -6.84 -23.64 29.30
C7 NAG F . -10.90 -19.40 32.55
C8 NAG F . -11.29 -19.21 34.01
N2 NAG F . -9.64 -19.76 32.30
O3 NAG F . -10.01 -22.59 32.93
O4 NAG F . -7.87 -24.26 32.01
O5 NAG F . -7.85 -21.51 29.57
O6 NAG F . -6.47 -24.87 29.92
O7 NAG F . -11.73 -19.21 31.67
C1 GOL G . -3.93 8.21 20.30
O1 GOL G . -2.69 7.37 19.69
C2 GOL G . -4.07 9.61 20.15
O2 GOL G . -3.57 10.34 21.17
C3 GOL G . -4.65 9.84 19.08
O3 GOL G . -5.30 9.14 17.84
C1 GOL H . -17.39 6.97 16.52
O1 GOL H . -16.19 8.04 16.49
C2 GOL H . -17.19 5.62 16.87
O2 GOL H . -15.94 5.33 17.31
C3 GOL H . -18.24 4.99 16.69
O3 GOL H . -19.73 5.14 16.22
C1 GOL I . 1.91 -9.63 7.90
O1 GOL I . 2.85 -8.68 8.83
C2 GOL I . 2.43 -10.60 7.02
O2 GOL I . 3.65 -10.34 6.55
C3 GOL I . 1.60 -11.49 6.88
O3 GOL I . 0.16 -11.93 7.34
CA CA J . -21.06 6.76 -8.71
C1 GOL K . 14.72 4.94 -15.85
O1 GOL K . 15.21 5.01 -17.39
C2 GOL K . 13.47 5.40 -15.41
O2 GOL K . 13.30 6.73 -15.50
C3 GOL K . 12.81 4.45 -15.04
O3 GOL K . 12.87 2.88 -14.87
C1 GOL L . 9.54 4.59 -20.31
O1 GOL L . 10.67 5.15 -19.29
C2 GOL L . 9.36 3.20 -20.59
O2 GOL L . 10.14 2.74 -21.60
C3 GOL L . 8.52 2.75 -19.83
O3 GOL L . 7.55 3.13 -18.67
#